data_5X6P
#
_entry.id   5X6P
#
_cell.length_a   69.667
_cell.length_b   52.371
_cell.length_c   136.271
_cell.angle_alpha   90.00
_cell.angle_beta   103.66
_cell.angle_gamma   90.00
#
_symmetry.space_group_name_H-M   'P 1 21 1'
#
loop_
_entity.id
_entity.type
_entity.pdbx_description
1 polymer 'Kynurenine 3-monooxygenase'
2 non-polymer 'FLAVIN-ADENINE DINUCLEOTIDE'
3 water water
#
_entity_poly.entity_id   1
_entity_poly.type   'polypeptide(L)'
_entity_poly.pdbx_seq_one_letter_code
;GSMTATDNARQVTIIGAGLAGTLVARLLARNGWQVNLFERRPDPRIETGARGRSINLALAERGAHALRLAGLEREVLAEA
VMMRGRMVHVPGTPPNLQPYGRDDSEVIWSINRDRLNRILLDGAEAAGASIHFNLGLDSVDFARQRLTLSNVSGERLEKR
FHLLIGADGCNSAVRQAMASVVDLGEHLETQPHGYKELQITPEASAQFNLEPNALHIWPHGDYMCIALPNLDRSFTVTLF
LHHQSPAAQPASPSFAQLVDGHAARRFFQRQFPDLSPMLDSLEQDFEHHPTGKLATLRLTTWHVGGQAVLLGDAAHPMVP
FHGQGMNCALEDAVALAEHLQSAADNASALAAFTAQRQPDALAIQAMALENYVEMSSKVASPTYLLERELGQIMAQRQPT
RFIPRYSMVTFSRLPYAQAMARGQIQEQLLKFAVANHSDLTSINLDAVEHEVTRCLPPLSHLS
;
_entity_poly.pdbx_strand_id   A,B
#
loop_
_chem_comp.id
_chem_comp.type
_chem_comp.name
_chem_comp.formula
FAD non-polymer 'FLAVIN-ADENINE DINUCLEOTIDE' 'C27 H33 N9 O15 P2'
#
# COMPACT_ATOMS: atom_id res chain seq x y z
N ALA A 9 -12.12 54.94 -20.37
CA ALA A 9 -12.36 53.85 -19.43
C ALA A 9 -11.05 53.27 -18.93
N ARG A 10 -10.99 53.00 -17.63
CA ARG A 10 -9.81 52.40 -17.02
C ARG A 10 -9.63 50.98 -17.51
N GLN A 11 -8.39 50.54 -17.66
CA GLN A 11 -8.10 49.25 -18.27
C GLN A 11 -7.54 48.28 -17.25
N VAL A 12 -7.93 47.01 -17.37
CA VAL A 12 -7.37 46.01 -16.48
C VAL A 12 -7.24 44.65 -17.18
N THR A 13 -6.17 43.94 -16.83
CA THR A 13 -5.89 42.60 -17.33
C THR A 13 -5.96 41.62 -16.18
N ILE A 14 -6.74 40.57 -16.34
CA ILE A 14 -6.91 39.61 -15.27
C ILE A 14 -6.36 38.26 -15.75
N ILE A 15 -5.55 37.63 -14.93
CA ILE A 15 -5.01 36.31 -15.24
C ILE A 15 -5.75 35.28 -14.40
N GLY A 16 -6.45 34.37 -15.08
CA GLY A 16 -7.12 33.29 -14.38
C GLY A 16 -8.64 33.47 -14.42
N ALA A 17 -9.31 32.71 -15.28
CA ALA A 17 -10.76 32.74 -15.33
C ALA A 17 -11.33 31.61 -14.48
N GLY A 18 -10.99 31.64 -13.19
CA GLY A 18 -11.50 30.70 -12.22
C GLY A 18 -12.66 31.37 -11.52
N LEU A 19 -12.74 31.24 -10.21
CA LEU A 19 -13.87 31.79 -9.47
C LEU A 19 -13.68 33.28 -9.13
N ALA A 20 -12.57 33.64 -8.52
CA ALA A 20 -12.32 35.05 -8.24
C ALA A 20 -12.13 35.91 -9.51
N GLY A 21 -11.36 35.41 -10.47
CA GLY A 21 -11.03 36.20 -11.64
C GLY A 21 -12.24 36.53 -12.49
N THR A 22 -13.16 35.57 -12.60
CA THR A 22 -14.28 35.78 -13.49
C THR A 22 -15.31 36.68 -12.80
N LEU A 23 -15.44 36.54 -11.48
CA LEU A 23 -16.36 37.43 -10.76
C LEU A 23 -15.84 38.86 -10.81
N VAL A 24 -14.55 39.05 -10.55
CA VAL A 24 -14.04 40.42 -10.55
C VAL A 24 -14.13 41.02 -11.97
N ALA A 25 -13.95 40.20 -12.99
CA ALA A 25 -14.12 40.65 -14.39
C ALA A 25 -15.53 41.18 -14.63
N ARG A 26 -16.55 40.48 -14.13
CA ARG A 26 -17.93 40.99 -14.27
C ARG A 26 -18.14 42.33 -13.56
N LEU A 27 -17.71 42.38 -12.29
CA LEU A 27 -17.92 43.57 -11.46
C LEU A 27 -17.25 44.82 -12.05
N LEU A 28 -16.04 44.66 -12.57
CA LEU A 28 -15.32 45.78 -13.16
C LEU A 28 -15.91 46.15 -14.51
N ALA A 29 -16.22 45.14 -15.34
CA ALA A 29 -16.74 45.43 -16.66
C ALA A 29 -18.10 46.14 -16.62
N ARG A 30 -18.96 45.78 -15.67
CA ARG A 30 -20.27 46.41 -15.67
C ARG A 30 -20.17 47.83 -15.09
N ASN A 31 -19.05 48.12 -14.44
CA ASN A 31 -18.71 49.47 -13.98
C ASN A 31 -17.92 50.25 -15.01
N GLY A 32 -17.88 49.76 -16.25
CA GLY A 32 -17.29 50.51 -17.34
C GLY A 32 -15.81 50.27 -17.64
N TRP A 33 -15.16 49.40 -16.88
CA TRP A 33 -13.76 49.11 -17.11
C TRP A 33 -13.59 48.32 -18.40
N GLN A 34 -12.46 48.53 -19.07
CA GLN A 34 -12.09 47.71 -20.22
C GLN A 34 -11.34 46.51 -19.68
N VAL A 35 -11.98 45.34 -19.73
CA VAL A 35 -11.44 44.15 -19.06
C VAL A 35 -11.00 43.09 -20.06
N ASN A 36 -9.76 42.64 -19.94
CA ASN A 36 -9.29 41.46 -20.66
C ASN A 36 -8.88 40.38 -19.68
N LEU A 37 -9.47 39.20 -19.84
CA LEU A 37 -9.29 38.08 -18.93
C LEU A 37 -8.62 36.93 -19.68
N PHE A 38 -7.50 36.41 -19.16
CA PHE A 38 -6.72 35.38 -19.84
C PHE A 38 -6.73 34.09 -19.01
N GLU A 39 -6.99 32.96 -19.66
CA GLU A 39 -7.18 31.68 -18.98
C GLU A 39 -6.33 30.60 -19.67
N ARG A 40 -5.61 29.81 -18.89
CA ARG A 40 -4.75 28.75 -19.46
C ARG A 40 -5.55 27.62 -20.10
N ARG A 41 -6.65 27.24 -19.46
CA ARG A 41 -7.46 26.12 -19.90
C ARG A 41 -8.34 26.50 -21.09
N PRO A 42 -8.88 25.50 -21.81
CA PRO A 42 -9.88 25.82 -22.85
C PRO A 42 -11.17 26.35 -22.21
N ASP A 43 -12.02 26.95 -23.04
CA ASP A 43 -13.35 27.39 -22.62
C ASP A 43 -14.24 26.18 -22.28
N PRO A 44 -14.62 26.03 -21.02
CA PRO A 44 -15.44 24.87 -20.63
C PRO A 44 -16.85 24.91 -21.23
N ARG A 45 -17.26 26.06 -21.75
CA ARG A 45 -18.57 26.18 -22.39
C ARG A 45 -18.57 25.57 -23.80
N ILE A 46 -17.40 25.34 -24.38
CA ILE A 46 -17.37 24.72 -25.70
C ILE A 46 -17.46 23.22 -25.52
N GLU A 47 -18.63 22.64 -25.78
CA GLU A 47 -18.76 21.22 -25.49
C GLU A 47 -17.92 20.34 -26.42
N THR A 48 -17.27 19.37 -25.81
CA THR A 48 -16.47 18.38 -26.54
C THR A 48 -17.01 16.98 -26.26
N GLY A 49 -16.35 15.96 -26.78
CA GLY A 49 -16.79 14.61 -26.52
C GLY A 49 -16.25 14.12 -25.19
N ALA A 50 -15.46 14.96 -24.53
CA ALA A 50 -14.82 14.57 -23.27
C ALA A 50 -15.81 14.53 -22.10
N ARG A 51 -15.45 13.71 -21.12
CA ARG A 51 -16.12 13.55 -19.83
C ARG A 51 -16.89 14.75 -19.30
N GLY A 52 -16.20 15.61 -18.56
CA GLY A 52 -16.84 16.65 -17.76
C GLY A 52 -16.52 16.36 -16.32
N ARG A 53 -16.10 17.39 -15.57
CA ARG A 53 -15.58 17.17 -14.23
C ARG A 53 -16.68 17.25 -13.17
N SER A 54 -16.64 16.34 -12.20
CA SER A 54 -17.66 16.29 -11.16
C SER A 54 -17.21 16.92 -9.84
N ILE A 55 -16.16 17.74 -9.88
CA ILE A 55 -15.71 18.44 -8.67
C ILE A 55 -16.85 19.28 -8.07
N ASN A 56 -17.09 19.08 -6.78
CA ASN A 56 -18.13 19.72 -5.98
C ASN A 56 -17.56 20.75 -5.03
N LEU A 57 -18.35 21.75 -4.68
CA LEU A 57 -17.92 22.73 -3.67
C LEU A 57 -19.08 23.15 -2.77
N ALA A 58 -18.77 23.45 -1.52
CA ALA A 58 -19.76 24.01 -0.58
C ALA A 58 -19.82 25.53 -0.66
N LEU A 59 -20.95 26.06 -1.13
CA LEU A 59 -21.16 27.51 -1.23
C LEU A 59 -21.89 27.98 0.03
N ALA A 60 -21.31 28.96 0.74
CA ALA A 60 -21.88 29.42 1.99
C ALA A 60 -22.36 30.86 1.87
N GLU A 61 -22.83 31.45 2.96
CA GLU A 61 -23.42 32.79 2.89
C GLU A 61 -22.50 33.86 2.28
N ARG A 62 -21.20 33.83 2.63
CA ARG A 62 -20.24 34.76 2.03
C ARG A 62 -20.19 34.70 0.53
N GLY A 63 -20.03 33.50 -0.01
CA GLY A 63 -19.98 33.32 -1.45
C GLY A 63 -21.34 33.61 -2.08
N ALA A 64 -22.41 33.18 -1.44
CA ALA A 64 -23.75 33.43 -2.01
C ALA A 64 -24.00 34.93 -2.10
N HIS A 65 -23.61 35.67 -1.06
CA HIS A 65 -23.84 37.11 -1.05
C HIS A 65 -23.04 37.82 -2.13
N ALA A 66 -21.80 37.37 -2.35
CA ALA A 66 -21.00 37.92 -3.42
C ALA A 66 -21.66 37.70 -4.79
N LEU A 67 -22.24 36.52 -5.00
CA LEU A 67 -22.94 36.25 -6.25
C LEU A 67 -24.21 37.11 -6.34
N ARG A 68 -24.86 37.31 -5.20
CA ARG A 68 -26.06 38.15 -5.11
C ARG A 68 -25.77 39.58 -5.60
N LEU A 69 -24.69 40.17 -5.09
CA LEU A 69 -24.27 41.51 -5.53
C LEU A 69 -23.99 41.56 -7.01
N ALA A 70 -23.50 40.45 -7.57
CA ALA A 70 -23.20 40.38 -9.00
C ALA A 70 -24.43 40.05 -9.85
N GLY A 71 -25.58 39.78 -9.22
CA GLY A 71 -26.77 39.42 -9.96
C GLY A 71 -26.77 38.01 -10.52
N LEU A 72 -26.01 37.10 -9.91
CA LEU A 72 -25.86 35.74 -10.41
C LEU A 72 -26.33 34.65 -9.44
N GLU A 73 -26.75 35.04 -8.25
CA GLU A 73 -27.06 34.04 -7.22
C GLU A 73 -28.24 33.14 -7.59
N ARG A 74 -29.29 33.71 -8.19
CA ARG A 74 -30.43 32.88 -8.55
C ARG A 74 -30.05 31.79 -9.54
N GLU A 75 -29.26 32.15 -10.55
CA GLU A 75 -28.86 31.22 -11.58
C GLU A 75 -28.01 30.07 -11.02
N VAL A 76 -27.11 30.42 -10.10
CA VAL A 76 -26.24 29.45 -9.48
C VAL A 76 -27.04 28.51 -8.55
N LEU A 77 -27.87 29.08 -7.69
CA LEU A 77 -28.63 28.27 -6.73
C LEU A 77 -29.63 27.34 -7.41
N ALA A 78 -30.03 27.66 -8.64
CA ALA A 78 -30.97 26.81 -9.39
C ALA A 78 -30.36 25.46 -9.63
N GLU A 79 -29.04 25.42 -9.66
CA GLU A 79 -28.31 24.20 -9.93
C GLU A 79 -27.54 23.68 -8.71
N ALA A 80 -27.95 24.10 -7.51
CA ALA A 80 -27.26 23.73 -6.28
C ALA A 80 -28.13 22.88 -5.38
N VAL A 81 -27.53 21.91 -4.71
CA VAL A 81 -28.26 21.03 -3.78
C VAL A 81 -28.14 21.57 -2.36
N MET A 82 -29.28 21.73 -1.70
CA MET A 82 -29.29 22.24 -0.34
C MET A 82 -28.69 21.22 0.61
N MET A 83 -27.78 21.63 1.49
CA MET A 83 -27.31 20.71 2.52
C MET A 83 -27.78 21.25 3.86
N ARG A 84 -28.73 20.55 4.45
CA ARG A 84 -29.43 21.06 5.61
C ARG A 84 -28.65 20.79 6.89
N GLY A 85 -27.70 19.86 6.81
CA GLY A 85 -26.96 19.44 7.98
C GLY A 85 -25.87 18.44 7.63
N ARG A 86 -25.19 17.96 8.67
CA ARG A 86 -24.10 17.00 8.53
C ARG A 86 -24.55 15.60 8.88
N MET A 87 -24.24 14.65 8.02
CA MET A 87 -24.52 13.25 8.32
C MET A 87 -23.20 12.59 8.66
N VAL A 88 -22.99 12.21 9.92
CA VAL A 88 -21.72 11.62 10.32
C VAL A 88 -21.84 10.10 10.34
N HIS A 89 -20.99 9.42 9.57
CA HIS A 89 -21.06 7.98 9.46
C HIS A 89 -19.98 7.31 10.31
N VAL A 90 -20.43 6.56 11.31
CA VAL A 90 -19.56 5.69 12.10
C VAL A 90 -20.15 4.27 12.03
N PRO A 91 -19.31 3.28 11.69
CA PRO A 91 -19.75 1.89 11.43
C PRO A 91 -20.75 1.35 12.46
N GLY A 92 -21.73 0.57 11.99
CA GLY A 92 -22.90 0.24 12.79
C GLY A 92 -23.76 1.48 12.82
N THR A 93 -24.23 1.86 14.02
CA THR A 93 -24.74 3.20 14.32
C THR A 93 -25.36 3.97 13.16
N PRO A 94 -26.68 3.84 12.97
CA PRO A 94 -27.34 4.48 11.82
C PRO A 94 -27.13 5.99 11.81
N PRO A 95 -26.66 6.55 10.67
CA PRO A 95 -26.27 7.96 10.53
C PRO A 95 -27.34 8.92 11.07
N ASN A 96 -26.93 9.84 11.93
CA ASN A 96 -27.86 10.83 12.49
C ASN A 96 -27.62 12.21 11.89
N LEU A 97 -28.67 12.84 11.37
CA LEU A 97 -28.50 14.18 10.78
C LEU A 97 -28.30 15.20 11.90
N GLN A 98 -27.25 16.00 11.77
CA GLN A 98 -27.01 17.12 12.66
C GLN A 98 -27.32 18.42 11.91
N PRO A 99 -28.53 18.97 12.11
CA PRO A 99 -28.94 20.16 11.38
C PRO A 99 -28.01 21.34 11.62
N TYR A 100 -27.78 22.15 10.58
CA TYR A 100 -26.94 23.35 10.70
C TYR A 100 -27.65 24.45 11.49
N GLY A 101 -28.94 24.60 11.22
CA GLY A 101 -29.74 25.66 11.82
C GLY A 101 -31.13 25.13 12.06
N ARG A 102 -32.05 26.01 12.42
CA ARG A 102 -33.34 25.51 12.87
C ARG A 102 -34.36 25.52 11.73
N ASP A 103 -34.00 26.18 10.63
CA ASP A 103 -34.76 26.03 9.38
C ASP A 103 -33.84 26.10 8.16
N ASP A 104 -34.44 26.03 6.97
CA ASP A 104 -33.66 26.00 5.73
C ASP A 104 -33.07 27.35 5.36
N SER A 105 -33.13 28.30 6.29
CA SER A 105 -32.40 29.56 6.17
C SER A 105 -30.91 29.33 6.38
N GLU A 106 -30.56 28.45 7.31
CA GLU A 106 -29.16 28.14 7.54
C GLU A 106 -28.76 26.83 6.89
N VAL A 107 -28.32 26.94 5.63
CA VAL A 107 -27.92 25.77 4.85
C VAL A 107 -26.64 26.09 4.11
N ILE A 108 -25.97 25.03 3.65
CA ILE A 108 -24.86 25.15 2.75
C ILE A 108 -25.27 24.56 1.41
N TRP A 109 -24.82 25.20 0.32
CA TRP A 109 -25.19 24.75 -1.02
C TRP A 109 -24.09 23.95 -1.66
N SER A 110 -24.43 22.79 -2.19
CA SER A 110 -23.46 22.00 -2.96
C SER A 110 -23.61 22.32 -4.45
N ILE A 111 -22.56 22.87 -5.04
CA ILE A 111 -22.60 23.25 -6.46
C ILE A 111 -21.43 22.68 -7.28
N ASN A 112 -21.70 22.29 -8.51
CA ASN A 112 -20.68 21.73 -9.38
C ASN A 112 -19.73 22.84 -9.80
N ARG A 113 -18.43 22.64 -9.57
N ARG A 113 -18.42 22.63 -9.62
CA ARG A 113 -17.45 23.69 -9.81
CA ARG A 113 -17.45 23.68 -9.96
C ARG A 113 -17.50 24.23 -11.23
C ARG A 113 -17.56 24.13 -11.42
N ASP A 114 -17.59 23.34 -12.21
N ASP A 114 -17.60 23.16 -12.35
CA ASP A 114 -17.51 23.79 -13.60
CA ASP A 114 -17.63 23.48 -13.76
C ASP A 114 -18.85 24.39 -14.04
C ASP A 114 -18.86 24.31 -14.08
N ARG A 115 -19.97 23.97 -13.44
CA ARG A 115 -21.24 24.65 -13.69
C ARG A 115 -21.18 26.10 -13.21
N LEU A 116 -20.68 26.28 -11.99
CA LEU A 116 -20.45 27.63 -11.46
C LEU A 116 -19.56 28.43 -12.38
N ASN A 117 -18.46 27.83 -12.84
CA ASN A 117 -17.53 28.54 -13.70
C ASN A 117 -18.17 28.99 -15.01
N ARG A 118 -18.98 28.13 -15.63
CA ARG A 118 -19.67 28.53 -16.87
C ARG A 118 -20.61 29.72 -16.68
N ILE A 119 -21.31 29.73 -15.53
CA ILE A 119 -22.25 30.79 -15.21
C ILE A 119 -21.50 32.10 -15.02
N LEU A 120 -20.37 32.03 -14.32
CA LEU A 120 -19.53 33.20 -14.12
C LEU A 120 -18.95 33.70 -15.44
N LEU A 121 -18.53 32.79 -16.33
CA LEU A 121 -17.99 33.20 -17.62
C LEU A 121 -19.04 33.93 -18.44
N ASP A 122 -20.23 33.37 -18.51
CA ASP A 122 -21.34 34.03 -19.19
C ASP A 122 -21.60 35.41 -18.60
N GLY A 123 -21.56 35.49 -17.27
CA GLY A 123 -21.78 36.73 -16.55
C GLY A 123 -20.76 37.80 -16.87
N ALA A 124 -19.49 37.40 -16.97
CA ALA A 124 -18.43 38.34 -17.26
C ALA A 124 -18.55 38.85 -18.70
N GLU A 125 -18.86 37.94 -19.63
CA GLU A 125 -19.02 38.39 -21.01
C GLU A 125 -20.25 39.27 -21.22
N ALA A 126 -21.33 38.94 -20.53
CA ALA A 126 -22.55 39.77 -20.60
C ALA A 126 -22.27 41.21 -20.18
N ALA A 127 -21.35 41.37 -19.23
CA ALA A 127 -21.03 42.68 -18.66
C ALA A 127 -20.03 43.44 -19.53
N GLY A 128 -19.44 42.76 -20.51
CA GLY A 128 -18.54 43.39 -21.45
C GLY A 128 -17.08 42.95 -21.41
N ALA A 129 -16.74 42.01 -20.54
CA ALA A 129 -15.36 41.52 -20.46
C ALA A 129 -15.00 40.69 -21.67
N SER A 130 -13.76 40.80 -22.14
CA SER A 130 -13.28 39.95 -23.23
C SER A 130 -12.46 38.82 -22.62
N ILE A 131 -12.78 37.58 -22.99
CA ILE A 131 -12.11 36.47 -22.35
C ILE A 131 -11.32 35.67 -23.38
N HIS A 132 -10.07 35.38 -23.06
CA HIS A 132 -9.14 34.74 -23.98
C HIS A 132 -8.66 33.44 -23.37
N PHE A 133 -8.99 32.30 -23.98
CA PHE A 133 -8.63 31.02 -23.40
C PHE A 133 -7.39 30.42 -24.06
N ASN A 134 -6.93 29.29 -23.54
CA ASN A 134 -5.74 28.60 -24.07
C ASN A 134 -4.48 29.46 -24.07
N LEU A 135 -4.40 30.36 -23.09
CA LEU A 135 -3.28 31.28 -22.95
C LEU A 135 -2.88 31.35 -21.48
N GLY A 136 -1.71 30.79 -21.17
CA GLY A 136 -1.23 30.80 -19.80
C GLY A 136 -0.13 31.84 -19.62
N LEU A 137 -0.21 32.61 -18.55
CA LEU A 137 0.83 33.57 -18.23
C LEU A 137 2.15 32.89 -17.90
N ASP A 138 3.23 33.28 -18.58
CA ASP A 138 4.57 32.76 -18.33
C ASP A 138 5.45 33.71 -17.53
N SER A 139 5.36 35.01 -17.83
CA SER A 139 6.25 35.97 -17.18
C SER A 139 5.73 37.39 -17.33
N VAL A 140 6.22 38.29 -16.47
CA VAL A 140 5.80 39.69 -16.47
C VAL A 140 7.03 40.59 -16.48
N ASP A 141 7.04 41.59 -17.35
CA ASP A 141 8.08 42.62 -17.27
C ASP A 141 7.42 43.88 -16.68
N PHE A 142 7.59 44.10 -15.38
CA PHE A 142 6.88 45.18 -14.72
C PHE A 142 7.36 46.55 -15.20
N ALA A 143 8.66 46.69 -15.43
CA ALA A 143 9.20 47.99 -15.84
C ALA A 143 8.66 48.42 -17.22
N ARG A 144 8.54 47.46 -18.14
CA ARG A 144 8.07 47.78 -19.48
C ARG A 144 6.58 47.57 -19.64
N GLN A 145 5.93 47.13 -18.57
CA GLN A 145 4.48 46.92 -18.55
C GLN A 145 4.03 45.98 -19.64
N ARG A 146 4.74 44.87 -19.78
CA ARG A 146 4.38 43.85 -20.76
C ARG A 146 4.35 42.49 -20.09
N LEU A 147 3.53 41.60 -20.62
CA LEU A 147 3.63 40.23 -20.12
C LEU A 147 3.69 39.25 -21.28
N THR A 148 4.08 38.03 -20.96
CA THR A 148 4.23 37.00 -21.98
C THR A 148 3.32 35.84 -21.64
N LEU A 149 2.51 35.42 -22.61
CA LEU A 149 1.64 34.26 -22.43
C LEU A 149 1.99 33.22 -23.47
N SER A 150 1.52 32.00 -23.27
CA SER A 150 1.72 30.95 -24.29
C SER A 150 0.64 29.88 -24.20
N ASN A 151 0.38 29.19 -25.31
CA ASN A 151 -0.57 28.08 -25.27
C ASN A 151 0.10 26.83 -24.71
N VAL A 152 -0.58 25.69 -24.78
CA VAL A 152 -0.01 24.44 -24.27
C VAL A 152 1.22 24.04 -25.10
N SER A 153 1.18 24.35 -26.39
CA SER A 153 2.25 23.97 -27.30
C SER A 153 3.36 25.03 -27.33
N GLY A 154 3.32 25.93 -26.36
CA GLY A 154 4.44 26.80 -26.07
C GLY A 154 4.70 28.04 -26.91
N GLU A 155 3.97 28.26 -28.01
CA GLU A 155 4.26 29.47 -28.79
C GLU A 155 3.77 30.71 -28.02
N ARG A 156 4.58 31.76 -28.03
CA ARG A 156 4.40 32.87 -27.11
C ARG A 156 3.74 34.08 -27.74
N LEU A 157 3.03 34.84 -26.92
CA LEU A 157 2.37 36.07 -27.32
C LEU A 157 2.59 37.12 -26.22
N GLU A 158 2.96 38.35 -26.60
CA GLU A 158 3.17 39.42 -25.64
C GLU A 158 2.01 40.40 -25.66
N LYS A 159 1.71 40.98 -24.50
CA LYS A 159 0.63 41.93 -24.38
C LYS A 159 1.07 43.05 -23.46
N ARG A 160 0.65 44.28 -23.78
CA ARG A 160 0.83 45.40 -22.85
C ARG A 160 -0.24 45.30 -21.76
N PHE A 161 0.08 45.72 -20.54
CA PHE A 161 -0.96 45.82 -19.50
C PHE A 161 -0.83 47.12 -18.71
N HIS A 162 -1.92 47.55 -18.07
CA HIS A 162 -1.89 48.75 -17.26
C HIS A 162 -2.05 48.40 -15.78
N LEU A 163 -3.00 47.52 -15.52
CA LEU A 163 -3.23 46.98 -14.18
C LEU A 163 -3.38 45.48 -14.32
N LEU A 164 -2.66 44.73 -13.51
CA LEU A 164 -2.65 43.28 -13.59
C LEU A 164 -3.25 42.66 -12.35
N ILE A 165 -4.28 41.83 -12.52
CA ILE A 165 -4.87 41.11 -11.40
C ILE A 165 -4.55 39.62 -11.49
N GLY A 166 -3.86 39.13 -10.48
CA GLY A 166 -3.51 37.72 -10.36
C GLY A 166 -4.60 36.95 -9.66
N ALA A 167 -5.46 36.32 -10.47
CA ALA A 167 -6.53 35.46 -9.96
C ALA A 167 -6.26 34.04 -10.44
N ASP A 168 -4.98 33.67 -10.45
CA ASP A 168 -4.58 32.48 -11.16
C ASP A 168 -4.23 31.32 -10.22
N GLY A 169 -4.90 31.25 -9.07
CA GLY A 169 -4.89 30.02 -8.28
C GLY A 169 -3.68 29.77 -7.39
N CYS A 170 -3.62 28.60 -6.79
CA CYS A 170 -2.69 28.39 -5.68
C CYS A 170 -1.23 28.35 -6.17
N ASN A 171 -1.03 28.05 -7.45
CA ASN A 171 0.31 28.10 -8.07
C ASN A 171 0.50 29.29 -9.00
N SER A 172 -0.05 30.42 -8.58
CA SER A 172 -0.05 31.68 -9.33
C SER A 172 1.26 32.03 -10.02
N ALA A 173 1.17 32.21 -11.33
CA ALA A 173 2.25 32.81 -12.12
C ALA A 173 2.45 34.30 -11.85
N VAL A 174 1.36 35.03 -11.63
CA VAL A 174 1.50 36.44 -11.27
C VAL A 174 2.28 36.55 -9.96
N ARG A 175 1.93 35.74 -8.96
CA ARG A 175 2.67 35.78 -7.68
C ARG A 175 4.18 35.52 -7.90
N GLN A 176 4.47 34.51 -8.70
CA GLN A 176 5.85 34.12 -9.02
C GLN A 176 6.58 35.30 -9.64
N ALA A 177 5.90 35.99 -10.56
CA ALA A 177 6.48 37.15 -11.25
C ALA A 177 6.71 38.33 -10.31
N MET A 178 5.78 38.56 -9.39
CA MET A 178 5.90 39.67 -8.45
C MET A 178 7.12 39.49 -7.55
N ALA A 179 7.43 38.23 -7.27
CA ALA A 179 8.56 37.90 -6.40
C ALA A 179 9.89 38.38 -7.01
N SER A 180 9.86 38.74 -8.29
CA SER A 180 11.04 39.27 -8.96
C SER A 180 11.28 40.77 -8.67
N VAL A 181 10.21 41.49 -8.31
CA VAL A 181 10.34 42.94 -8.12
C VAL A 181 10.04 43.41 -6.68
N VAL A 182 9.46 42.54 -5.87
CA VAL A 182 9.25 42.83 -4.47
C VAL A 182 9.56 41.59 -3.66
N ASP A 183 9.91 41.79 -2.40
CA ASP A 183 10.01 40.68 -1.47
C ASP A 183 8.60 40.37 -0.96
N LEU A 184 8.06 39.21 -1.33
CA LEU A 184 6.68 38.91 -0.95
C LEU A 184 6.55 38.49 0.49
N GLY A 185 7.68 38.15 1.12
CA GLY A 185 7.66 37.69 2.50
C GLY A 185 6.81 36.44 2.62
N GLU A 186 6.99 35.50 1.68
CA GLU A 186 6.19 34.27 1.67
C GLU A 186 6.65 33.29 2.70
N HIS A 187 5.70 32.57 3.29
CA HIS A 187 6.06 31.40 4.08
C HIS A 187 5.05 30.32 3.79
N LEU A 188 5.59 29.19 3.33
CA LEU A 188 4.79 28.04 2.96
C LEU A 188 4.72 27.06 4.10
N GLU A 189 3.50 26.71 4.52
CA GLU A 189 3.35 25.68 5.52
C GLU A 189 2.74 24.44 4.86
N THR A 190 3.55 23.40 4.69
CA THR A 190 3.06 22.19 4.06
C THR A 190 2.10 21.47 4.99
N GLN A 191 1.26 20.63 4.39
CA GLN A 191 0.28 19.88 5.14
C GLN A 191 0.46 18.42 4.76
N PRO A 192 0.49 17.53 5.76
CA PRO A 192 0.77 16.11 5.53
C PRO A 192 -0.31 15.31 4.78
N HIS A 193 -1.54 15.81 4.71
CA HIS A 193 -2.60 15.10 3.97
C HIS A 193 -2.59 15.36 2.48
N GLY A 194 -2.74 14.30 1.71
CA GLY A 194 -3.08 14.45 0.30
C GLY A 194 -4.58 14.22 0.18
N TYR A 195 -5.10 14.33 -1.04
CA TYR A 195 -6.51 14.02 -1.26
C TYR A 195 -6.73 13.31 -2.59
N LYS A 196 -7.80 12.51 -2.66
CA LYS A 196 -8.16 11.78 -3.86
C LYS A 196 -9.66 11.91 -4.06
N GLU A 197 -10.07 12.22 -5.28
CA GLU A 197 -11.50 12.34 -5.59
C GLU A 197 -12.08 11.03 -6.08
N LEU A 198 -13.21 10.62 -5.50
CA LEU A 198 -13.87 9.38 -5.87
C LEU A 198 -15.34 9.69 -6.15
N GLN A 199 -16.10 8.71 -6.62
CA GLN A 199 -17.48 8.95 -7.03
C GLN A 199 -18.45 7.88 -6.53
N ILE A 200 -19.64 8.34 -6.14
CA ILE A 200 -20.78 7.46 -5.87
C ILE A 200 -21.84 7.72 -6.95
N THR A 201 -22.25 6.69 -7.69
CA THR A 201 -23.23 6.89 -8.76
C THR A 201 -24.62 7.18 -8.19
N PRO A 202 -25.53 7.71 -9.01
CA PRO A 202 -26.91 7.92 -8.56
C PRO A 202 -27.60 6.61 -8.16
N GLU A 203 -27.28 5.52 -8.87
CA GLU A 203 -27.86 4.22 -8.55
C GLU A 203 -27.38 3.74 -7.19
N ALA A 204 -26.07 3.84 -6.97
CA ALA A 204 -25.49 3.45 -5.69
C ALA A 204 -26.02 4.26 -4.53
N SER A 205 -26.11 5.58 -4.68
CA SER A 205 -26.54 6.38 -3.55
C SER A 205 -28.01 6.11 -3.20
N ALA A 206 -28.83 5.78 -4.21
CA ALA A 206 -30.23 5.46 -3.94
C ALA A 206 -30.35 4.08 -3.26
N GLN A 207 -29.59 3.12 -3.77
CA GLN A 207 -29.58 1.77 -3.23
C GLN A 207 -29.23 1.75 -1.75
N PHE A 208 -28.30 2.60 -1.34
CA PHE A 208 -27.91 2.64 0.08
C PHE A 208 -28.55 3.79 0.85
N ASN A 209 -29.55 4.43 0.24
CA ASN A 209 -30.38 5.44 0.90
C ASN A 209 -29.57 6.58 1.50
N LEU A 210 -28.55 7.00 0.76
CA LEU A 210 -27.70 8.12 1.16
C LEU A 210 -28.49 9.43 1.00
N GLU A 211 -28.64 10.17 2.09
CA GLU A 211 -29.45 11.38 2.11
C GLU A 211 -28.89 12.44 1.16
N PRO A 212 -29.69 12.88 0.17
CA PRO A 212 -29.14 13.86 -0.79
C PRO A 212 -28.98 15.26 -0.20
N ASN A 213 -29.81 15.66 0.75
CA ASN A 213 -29.74 17.05 1.22
C ASN A 213 -28.92 17.21 2.50
N ALA A 214 -27.73 16.64 2.47
CA ALA A 214 -26.82 16.69 3.60
C ALA A 214 -25.39 16.61 3.11
N LEU A 215 -24.46 17.09 3.92
CA LEU A 215 -23.03 16.85 3.72
C LEU A 215 -22.66 15.63 4.54
N HIS A 216 -21.99 14.66 3.93
CA HIS A 216 -21.68 13.41 4.62
C HIS A 216 -20.20 13.33 4.98
N ILE A 217 -19.90 12.85 6.19
CA ILE A 217 -18.53 12.68 6.63
C ILE A 217 -18.31 11.29 7.21
N TRP A 218 -17.19 10.67 6.86
CA TRP A 218 -16.77 9.41 7.46
C TRP A 218 -15.48 9.68 8.22
N PRO A 219 -15.60 10.09 9.49
CA PRO A 219 -14.38 10.45 10.24
C PRO A 219 -13.55 9.22 10.63
N HIS A 220 -12.24 9.36 10.69
CA HIS A 220 -11.40 8.23 11.09
C HIS A 220 -10.05 8.70 11.63
N GLY A 221 -10.06 9.85 12.32
CA GLY A 221 -8.90 10.30 13.08
C GLY A 221 -7.89 11.01 12.22
N ASP A 222 -6.80 10.32 11.90
CA ASP A 222 -5.78 10.89 11.03
C ASP A 222 -6.17 10.89 9.55
N TYR A 223 -7.25 10.21 9.20
CA TYR A 223 -7.75 10.31 7.82
C TYR A 223 -9.27 10.31 7.84
N MET A 224 -9.89 10.65 6.71
CA MET A 224 -11.36 10.75 6.66
C MET A 224 -11.85 10.89 5.23
N CYS A 225 -13.14 10.63 5.03
CA CYS A 225 -13.80 10.93 3.76
C CYS A 225 -14.95 11.91 3.98
N ILE A 226 -15.21 12.72 2.97
CA ILE A 226 -16.37 13.60 2.97
C ILE A 226 -17.07 13.38 1.64
N ALA A 227 -18.39 13.60 1.59
CA ALA A 227 -19.08 13.51 0.31
C ALA A 227 -20.09 14.65 0.18
N LEU A 228 -20.13 15.26 -1.00
CA LEU A 228 -21.09 16.34 -1.30
C LEU A 228 -21.99 15.88 -2.44
N PRO A 229 -23.30 16.17 -2.33
CA PRO A 229 -24.26 15.70 -3.33
C PRO A 229 -24.31 16.54 -4.60
N ASN A 230 -24.72 15.88 -5.67
CA ASN A 230 -24.97 16.51 -6.97
C ASN A 230 -26.47 16.45 -7.32
N LEU A 231 -26.89 17.27 -8.28
CA LEU A 231 -28.30 17.34 -8.68
C LEU A 231 -28.85 16.00 -9.15
N ASP A 232 -27.98 15.16 -9.72
CA ASP A 232 -28.42 13.88 -10.27
C ASP A 232 -28.34 12.74 -9.25
N ARG A 233 -28.16 13.10 -7.98
CA ARG A 233 -28.04 12.17 -6.84
C ARG A 233 -26.69 11.42 -6.75
N SER A 234 -25.77 11.68 -7.67
CA SER A 234 -24.40 11.21 -7.49
C SER A 234 -23.79 12.01 -6.35
N PHE A 235 -22.70 11.52 -5.77
CA PHE A 235 -21.95 12.27 -4.78
C PHE A 235 -20.48 12.34 -5.18
N THR A 236 -19.84 13.46 -4.89
CA THR A 236 -18.40 13.51 -5.06
C THR A 236 -17.77 13.28 -3.69
N VAL A 237 -16.93 12.26 -3.62
CA VAL A 237 -16.27 11.85 -2.38
C VAL A 237 -14.80 12.26 -2.39
N THR A 238 -14.34 12.80 -1.26
CA THR A 238 -12.94 13.15 -1.10
C THR A 238 -12.34 12.39 0.04
N LEU A 239 -11.25 11.67 -0.24
CA LEU A 239 -10.48 11.02 0.78
C LEU A 239 -9.32 11.93 1.17
N PHE A 240 -9.17 12.21 2.46
CA PHE A 240 -8.00 12.92 2.98
C PHE A 240 -7.14 11.95 3.77
N LEU A 241 -5.88 11.81 3.39
CA LEU A 241 -5.02 10.76 3.90
C LEU A 241 -3.56 11.22 3.79
N HIS A 242 -2.73 10.91 4.79
CA HIS A 242 -1.31 11.26 4.74
C HIS A 242 -0.64 10.78 3.46
N HIS A 243 0.22 11.62 2.89
CA HIS A 243 1.03 11.21 1.75
C HIS A 243 1.89 10.01 2.11
N GLN A 244 2.54 10.09 3.27
CA GLN A 244 3.46 9.08 3.76
C GLN A 244 3.25 8.81 5.23
N SER A 245 3.60 7.60 5.66
CA SER A 245 3.58 7.27 7.07
C SER A 245 4.81 7.93 7.68
N PRO A 246 4.65 8.53 8.87
CA PRO A 246 5.84 9.03 9.58
C PRO A 246 6.86 7.91 9.81
N ALA A 247 8.12 8.26 9.95
CA ALA A 247 9.12 7.29 10.38
C ALA A 247 8.75 6.84 11.79
N ALA A 248 8.10 7.75 12.53
CA ALA A 248 7.59 7.47 13.87
C ALA A 248 6.62 6.29 13.87
N GLN A 249 5.53 6.40 13.12
CA GLN A 249 4.55 5.32 13.02
C GLN A 249 4.46 4.79 11.58
N PRO A 250 5.40 3.91 11.20
CA PRO A 250 5.52 3.40 9.82
C PRO A 250 4.34 2.55 9.38
N ALA A 251 3.61 1.98 10.34
CA ALA A 251 2.51 1.09 10.01
C ALA A 251 1.25 1.86 9.60
N SER A 252 1.15 3.11 10.02
CA SER A 252 -0.07 3.91 9.81
C SER A 252 -0.40 4.12 8.34
N PRO A 253 -1.69 4.10 8.01
CA PRO A 253 -2.17 4.26 6.62
C PRO A 253 -1.64 5.53 5.95
N SER A 254 -1.31 5.43 4.67
CA SER A 254 -0.86 6.58 3.90
C SER A 254 -1.02 6.26 2.42
N PHE A 255 -0.99 7.27 1.57
CA PHE A 255 -1.06 7.04 0.13
C PHE A 255 0.11 6.17 -0.39
N ALA A 256 1.26 6.25 0.28
CA ALA A 256 2.43 5.44 -0.08
C ALA A 256 2.12 3.94 -0.02
N GLN A 257 1.29 3.53 0.93
CA GLN A 257 0.93 2.13 1.09
C GLN A 257 -0.06 1.66 0.04
N LEU A 258 -0.83 2.59 -0.50
CA LEU A 258 -1.86 2.23 -1.46
C LEU A 258 -1.28 2.19 -2.87
N VAL A 259 -0.58 1.10 -3.15
CA VAL A 259 0.26 1.01 -4.35
C VAL A 259 -0.53 0.88 -5.65
N ASP A 260 -1.80 0.48 -5.54
CA ASP A 260 -2.69 0.45 -6.71
C ASP A 260 -4.15 0.45 -6.28
N GLY A 261 -5.06 0.37 -7.25
CA GLY A 261 -6.49 0.37 -6.97
C GLY A 261 -6.96 -0.78 -6.09
N HIS A 262 -6.32 -1.94 -6.22
CA HIS A 262 -6.73 -3.09 -5.43
C HIS A 262 -6.36 -2.88 -3.98
N ALA A 263 -5.22 -2.25 -3.75
CA ALA A 263 -4.82 -1.91 -2.40
C ALA A 263 -5.78 -0.89 -1.82
N ALA A 264 -6.15 0.10 -2.62
CA ALA A 264 -7.13 1.10 -2.18
C ALA A 264 -8.43 0.42 -1.75
N ARG A 265 -8.90 -0.55 -2.53
CA ARG A 265 -10.12 -1.28 -2.21
C ARG A 265 -10.03 -2.02 -0.87
N ARG A 266 -8.93 -2.73 -0.63
CA ARG A 266 -8.78 -3.43 0.65
C ARG A 266 -8.78 -2.43 1.81
N PHE A 267 -8.15 -1.28 1.58
CA PHE A 267 -8.09 -0.23 2.59
C PHE A 267 -9.50 0.28 2.95
N PHE A 268 -10.31 0.54 1.94
CA PHE A 268 -11.67 1.01 2.17
C PHE A 268 -12.55 -0.08 2.79
N GLN A 269 -12.35 -1.32 2.34
CA GLN A 269 -13.13 -2.44 2.90
C GLN A 269 -12.87 -2.58 4.40
N ARG A 270 -11.65 -2.26 4.82
CA ARG A 270 -11.32 -2.40 6.23
C ARG A 270 -11.67 -1.16 7.05
N GLN A 271 -11.31 0.03 6.55
CA GLN A 271 -11.44 1.24 7.34
C GLN A 271 -12.74 2.00 7.12
N PHE A 272 -13.34 1.83 5.94
CA PHE A 272 -14.60 2.48 5.64
C PHE A 272 -15.60 1.45 5.12
N PRO A 273 -15.91 0.42 5.94
CA PRO A 273 -16.64 -0.71 5.35
C PRO A 273 -18.04 -0.40 4.85
N ASP A 274 -18.65 0.68 5.33
CA ASP A 274 -20.00 1.05 4.90
C ASP A 274 -20.01 1.96 3.67
N LEU A 275 -18.84 2.50 3.33
CA LEU A 275 -18.68 3.39 2.18
C LEU A 275 -18.19 2.62 0.95
N SER A 276 -17.29 1.67 1.18
CA SER A 276 -16.72 0.88 0.10
C SER A 276 -17.74 0.29 -0.88
N PRO A 277 -18.85 -0.31 -0.37
CA PRO A 277 -19.87 -0.85 -1.28
C PRO A 277 -20.48 0.19 -2.22
N MET A 278 -20.41 1.47 -1.85
CA MET A 278 -20.98 2.53 -2.66
C MET A 278 -20.03 3.07 -3.74
N LEU A 279 -18.76 2.69 -3.64
CA LEU A 279 -17.73 3.16 -4.57
C LEU A 279 -17.41 2.14 -5.66
N ASP A 280 -18.28 2.05 -6.66
CA ASP A 280 -18.16 1.01 -7.68
C ASP A 280 -16.87 1.13 -8.50
N SER A 281 -16.45 2.36 -8.77
CA SER A 281 -15.27 2.58 -9.61
C SER A 281 -14.05 2.98 -8.78
N LEU A 282 -14.00 2.56 -7.53
CA LEU A 282 -12.92 2.91 -6.62
C LEU A 282 -11.55 2.63 -7.22
N GLU A 283 -11.36 1.41 -7.72
CA GLU A 283 -10.07 1.01 -8.28
C GLU A 283 -9.64 1.95 -9.40
N GLN A 284 -10.52 2.17 -10.37
CA GLN A 284 -10.21 3.02 -11.51
C GLN A 284 -10.01 4.49 -11.14
N ASP A 285 -10.95 5.04 -10.37
CA ASP A 285 -10.82 6.40 -9.90
C ASP A 285 -9.49 6.61 -9.18
N PHE A 286 -9.14 5.67 -8.30
CA PHE A 286 -7.92 5.78 -7.52
C PHE A 286 -6.68 5.87 -8.42
N GLU A 287 -6.61 5.03 -9.44
CA GLU A 287 -5.41 5.01 -10.27
C GLU A 287 -5.38 6.13 -11.30
N HIS A 288 -6.55 6.60 -11.75
CA HIS A 288 -6.59 7.58 -12.83
C HIS A 288 -6.76 9.03 -12.37
N HIS A 289 -7.07 9.21 -11.09
CA HIS A 289 -7.16 10.56 -10.52
C HIS A 289 -5.92 10.85 -9.69
N PRO A 290 -5.14 11.86 -10.09
CA PRO A 290 -3.91 12.13 -9.34
C PRO A 290 -4.16 12.56 -7.89
N THR A 291 -3.25 12.20 -6.99
CA THR A 291 -3.36 12.61 -5.60
C THR A 291 -3.03 14.10 -5.47
N GLY A 292 -3.91 14.84 -4.82
CA GLY A 292 -3.74 16.27 -4.67
C GLY A 292 -2.91 16.68 -3.47
N LYS A 293 -2.32 17.87 -3.57
CA LYS A 293 -1.50 18.43 -2.50
C LYS A 293 -2.21 19.57 -1.80
N LEU A 294 -1.99 19.67 -0.49
CA LEU A 294 -2.58 20.72 0.32
C LEU A 294 -1.51 21.54 1.03
N ALA A 295 -1.79 22.83 1.25
CA ALA A 295 -0.83 23.69 1.92
C ALA A 295 -1.46 25.01 2.32
N THR A 296 -0.80 25.70 3.25
CA THR A 296 -1.18 27.06 3.59
C THR A 296 -0.02 27.95 3.16
N LEU A 297 -0.29 29.01 2.42
CA LEU A 297 0.78 29.92 2.06
C LEU A 297 0.38 31.34 2.47
N ARG A 298 1.24 32.02 3.24
CA ARG A 298 0.94 33.36 3.74
C ARG A 298 1.95 34.36 3.13
N LEU A 299 1.43 35.47 2.63
CA LEU A 299 2.25 36.53 2.02
C LEU A 299 2.24 37.82 2.82
N THR A 300 3.40 38.43 2.99
CA THR A 300 3.47 39.75 3.60
C THR A 300 2.90 40.83 2.69
N THR A 301 3.15 40.72 1.39
CA THR A 301 2.56 41.70 0.50
C THR A 301 1.82 41.03 -0.66
N TRP A 302 0.72 41.67 -1.04
CA TRP A 302 -0.16 41.17 -2.11
C TRP A 302 -0.13 42.01 -3.36
N HIS A 303 0.63 43.11 -3.36
CA HIS A 303 0.62 43.97 -4.52
C HIS A 303 1.97 44.60 -4.79
N VAL A 304 2.15 45.02 -6.03
CA VAL A 304 3.31 45.79 -6.45
C VAL A 304 2.81 47.15 -6.85
N GLY A 305 2.96 48.13 -5.97
CA GLY A 305 2.50 49.49 -6.27
C GLY A 305 1.06 49.50 -6.76
N GLY A 306 0.79 50.22 -7.84
CA GLY A 306 -0.53 50.22 -8.46
C GLY A 306 -0.60 49.34 -9.69
N GLN A 307 0.42 48.50 -9.87
CA GLN A 307 0.59 47.73 -11.09
C GLN A 307 -0.02 46.34 -11.05
N ALA A 308 0.07 45.68 -9.91
CA ALA A 308 -0.42 44.29 -9.82
C ALA A 308 -0.90 43.95 -8.43
N VAL A 309 -1.86 43.03 -8.37
CA VAL A 309 -2.39 42.59 -7.09
C VAL A 309 -2.80 41.15 -7.20
N LEU A 310 -2.75 40.42 -6.07
CA LEU A 310 -3.22 39.04 -5.99
C LEU A 310 -4.57 38.95 -5.28
N LEU A 311 -5.34 37.94 -5.68
CA LEU A 311 -6.72 37.73 -5.27
C LEU A 311 -6.94 36.23 -5.04
N GLY A 312 -7.71 35.83 -4.04
CA GLY A 312 -8.11 34.41 -3.97
C GLY A 312 -6.97 33.46 -3.61
N ASP A 313 -6.96 32.27 -4.23
CA ASP A 313 -5.92 31.27 -3.95
C ASP A 313 -4.51 31.79 -4.34
N ALA A 314 -4.46 32.75 -5.26
CA ALA A 314 -3.17 33.35 -5.61
C ALA A 314 -2.54 34.09 -4.43
N ALA A 315 -3.39 34.71 -3.61
CA ALA A 315 -2.95 35.50 -2.44
C ALA A 315 -2.82 34.68 -1.16
N HIS A 316 -3.68 33.67 -0.99
CA HIS A 316 -3.74 33.00 0.32
C HIS A 316 -4.23 31.56 0.23
N PRO A 317 -3.42 30.68 -0.39
CA PRO A 317 -3.73 29.25 -0.37
C PRO A 317 -4.05 28.76 1.06
N MET A 318 -5.13 28.00 1.24
CA MET A 318 -5.49 27.49 2.57
C MET A 318 -5.83 26.00 2.47
N VAL A 319 -5.78 25.29 3.58
CA VAL A 319 -6.23 23.90 3.55
C VAL A 319 -7.76 23.87 3.44
N PRO A 320 -8.30 22.84 2.79
CA PRO A 320 -9.74 22.85 2.45
C PRO A 320 -10.68 22.39 3.57
N PHE A 321 -10.22 22.36 4.81
CA PHE A 321 -11.00 21.73 5.87
C PHE A 321 -12.14 22.58 6.44
N HIS A 322 -12.33 23.79 5.93
CA HIS A 322 -13.49 24.58 6.33
C HIS A 322 -14.44 24.88 5.16
N GLY A 323 -14.09 24.43 3.96
CA GLY A 323 -14.93 24.70 2.80
C GLY A 323 -15.16 26.18 2.59
N GLN A 324 -14.08 26.96 2.62
CA GLN A 324 -14.20 28.41 2.56
C GLN A 324 -13.28 29.09 1.54
N GLY A 325 -12.48 28.33 0.81
CA GLY A 325 -11.54 28.96 -0.13
C GLY A 325 -12.24 29.69 -1.26
N MET A 326 -13.22 29.02 -1.87
CA MET A 326 -14.05 29.66 -2.89
C MET A 326 -14.84 30.83 -2.30
N ASN A 327 -15.41 30.60 -1.12
CA ASN A 327 -16.20 31.64 -0.47
C ASN A 327 -15.35 32.87 -0.20
N CYS A 328 -14.13 32.64 0.29
CA CYS A 328 -13.19 33.73 0.55
C CYS A 328 -12.79 34.42 -0.76
N ALA A 329 -12.58 33.64 -1.81
CA ALA A 329 -12.14 34.19 -3.08
C ALA A 329 -13.19 35.12 -3.71
N LEU A 330 -14.46 34.73 -3.63
CA LEU A 330 -15.54 35.54 -4.17
C LEU A 330 -15.69 36.80 -3.34
N GLU A 331 -15.56 36.67 -2.03
CA GLU A 331 -15.60 37.81 -1.11
C GLU A 331 -14.46 38.78 -1.46
N ASP A 332 -13.26 38.23 -1.74
CA ASP A 332 -12.11 39.03 -2.22
C ASP A 332 -12.46 39.82 -3.47
N ALA A 333 -13.10 39.15 -4.44
CA ALA A 333 -13.43 39.78 -5.71
C ALA A 333 -14.30 41.02 -5.53
N VAL A 334 -15.33 40.91 -4.68
CA VAL A 334 -16.19 42.04 -4.39
C VAL A 334 -15.38 43.19 -3.78
N ALA A 335 -14.57 42.89 -2.78
CA ALA A 335 -13.76 43.91 -2.11
C ALA A 335 -12.80 44.59 -3.08
N LEU A 336 -12.14 43.80 -3.95
CA LEU A 336 -11.18 44.40 -4.86
C LEU A 336 -11.87 45.34 -5.86
N ALA A 337 -12.99 44.90 -6.41
CA ALA A 337 -13.73 45.75 -7.36
C ALA A 337 -14.25 47.01 -6.69
N GLU A 338 -14.66 46.90 -5.43
CA GLU A 338 -15.12 48.07 -4.65
C GLU A 338 -14.00 49.11 -4.46
N HIS A 339 -12.82 48.64 -4.09
CA HIS A 339 -11.68 49.53 -3.85
C HIS A 339 -11.21 50.15 -5.17
N LEU A 340 -11.11 49.34 -6.22
CA LEU A 340 -10.63 49.83 -7.51
C LEU A 340 -11.58 50.88 -8.10
N GLN A 341 -12.86 50.70 -7.87
CA GLN A 341 -13.86 51.58 -8.50
C GLN A 341 -13.73 52.99 -7.96
N SER A 342 -13.50 53.10 -6.66
CA SER A 342 -13.69 54.39 -5.96
C SER A 342 -12.43 55.03 -5.42
N ALA A 343 -11.28 54.41 -5.60
CA ALA A 343 -10.05 54.93 -5.00
C ALA A 343 -9.50 56.11 -5.80
N ALA A 344 -8.58 56.85 -5.18
CA ALA A 344 -7.98 58.01 -5.83
C ALA A 344 -7.14 57.57 -7.02
N ASP A 345 -6.46 56.44 -6.88
CA ASP A 345 -5.68 55.85 -7.96
C ASP A 345 -5.48 54.36 -7.65
N ASN A 346 -4.95 53.60 -8.61
CA ASN A 346 -4.82 52.15 -8.42
C ASN A 346 -3.90 51.79 -7.26
N ALA A 347 -2.78 52.50 -7.10
CA ALA A 347 -1.90 52.23 -5.97
C ALA A 347 -2.64 52.33 -4.63
N SER A 348 -3.48 53.35 -4.49
CA SER A 348 -4.24 53.54 -3.26
C SER A 348 -5.22 52.39 -3.09
N ALA A 349 -5.87 52.02 -4.17
CA ALA A 349 -6.86 50.94 -4.13
C ALA A 349 -6.23 49.62 -3.70
N LEU A 350 -5.06 49.31 -4.26
CA LEU A 350 -4.46 48.01 -3.99
C LEU A 350 -3.93 47.95 -2.56
N ALA A 351 -3.38 49.06 -2.06
CA ALA A 351 -2.95 49.08 -0.67
C ALA A 351 -4.14 48.92 0.28
N ALA A 352 -5.24 49.60 -0.04
CA ALA A 352 -6.41 49.57 0.84
C ALA A 352 -7.06 48.20 0.84
N PHE A 353 -7.13 47.59 -0.34
CA PHE A 353 -7.65 46.24 -0.48
C PHE A 353 -6.83 45.26 0.37
N THR A 354 -5.51 45.34 0.25
CA THR A 354 -4.64 44.43 0.99
C THR A 354 -4.80 44.64 2.48
N ALA A 355 -4.89 45.89 2.91
CA ALA A 355 -4.94 46.19 4.34
C ALA A 355 -6.25 45.65 4.90
N GLN A 356 -7.31 45.75 4.11
CA GLN A 356 -8.62 45.24 4.51
C GLN A 356 -8.64 43.71 4.61
N ARG A 357 -8.18 43.04 3.56
CA ARG A 357 -8.41 41.61 3.46
C ARG A 357 -7.35 40.74 4.16
N GLN A 358 -6.12 41.25 4.30
CA GLN A 358 -5.05 40.39 4.85
C GLN A 358 -5.38 39.81 6.23
N PRO A 359 -5.87 40.62 7.17
CA PRO A 359 -6.15 40.01 8.48
C PRO A 359 -7.27 38.97 8.41
N ASP A 360 -8.22 39.14 7.50
CA ASP A 360 -9.30 38.16 7.39
C ASP A 360 -8.81 36.89 6.74
N ALA A 361 -7.93 37.00 5.74
CA ALA A 361 -7.31 35.83 5.12
C ALA A 361 -6.52 35.00 6.16
N LEU A 362 -5.73 35.68 6.99
CA LEU A 362 -4.95 34.97 8.03
C LEU A 362 -5.85 34.22 9.01
N ALA A 363 -6.97 34.83 9.35
CA ALA A 363 -7.92 34.21 10.27
C ALA A 363 -8.54 32.95 9.69
N ILE A 364 -9.01 33.00 8.45
CA ILE A 364 -9.64 31.81 7.90
C ILE A 364 -8.59 30.74 7.62
N GLN A 365 -7.36 31.14 7.28
CA GLN A 365 -6.30 30.14 7.13
C GLN A 365 -6.08 29.39 8.45
N ALA A 366 -6.06 30.13 9.55
CA ALA A 366 -5.90 29.51 10.88
C ALA A 366 -7.11 28.65 11.23
N MET A 367 -8.32 29.15 10.97
CA MET A 367 -9.53 28.40 11.36
C MET A 367 -9.70 27.14 10.52
N ALA A 368 -9.28 27.22 9.26
CA ALA A 368 -9.34 26.04 8.40
C ALA A 368 -8.43 24.90 8.89
N LEU A 369 -7.23 25.25 9.31
CA LEU A 369 -6.34 24.25 9.92
C LEU A 369 -6.96 23.64 11.18
N GLU A 370 -7.57 24.48 12.02
CA GLU A 370 -8.20 24.01 13.25
C GLU A 370 -9.40 23.10 13.00
N ASN A 371 -10.06 23.27 11.86
CA ASN A 371 -11.31 22.57 11.63
C ASN A 371 -11.12 21.10 11.29
N TYR A 372 -9.90 20.71 10.94
CA TYR A 372 -9.67 19.31 10.63
C TYR A 372 -9.99 18.42 11.84
N VAL A 373 -9.53 18.84 13.02
CA VAL A 373 -9.73 18.05 14.23
C VAL A 373 -11.21 17.86 14.54
N GLU A 374 -11.99 18.92 14.39
CA GLU A 374 -13.44 18.85 14.58
C GLU A 374 -14.07 17.79 13.67
N MET A 375 -13.76 17.85 12.39
CA MET A 375 -14.36 16.95 11.40
C MET A 375 -13.94 15.49 11.52
N SER A 376 -12.66 15.26 11.81
CA SER A 376 -12.07 13.92 11.68
C SER A 376 -12.21 13.02 12.91
N SER A 377 -12.65 13.60 14.03
CA SER A 377 -12.85 12.83 15.26
C SER A 377 -14.07 11.91 15.16
N LYS A 378 -13.89 10.64 15.53
CA LYS A 378 -14.95 9.65 15.36
C LYS A 378 -16.04 9.77 16.43
N VAL A 379 -15.64 10.21 17.62
CA VAL A 379 -16.62 10.49 18.67
C VAL A 379 -16.15 11.65 19.55
N ALA A 380 -17.12 12.39 20.08
CA ALA A 380 -16.84 13.58 20.89
C ALA A 380 -16.57 13.22 22.35
N SER A 381 -15.55 13.85 22.93
CA SER A 381 -15.20 13.65 24.33
C SER A 381 -16.35 14.04 25.24
N PRO A 382 -16.53 13.32 26.36
CA PRO A 382 -17.58 13.57 27.35
C PRO A 382 -17.76 15.04 27.73
N THR A 383 -16.66 15.77 27.92
CA THR A 383 -16.74 17.15 28.40
C THR A 383 -17.02 18.15 27.27
N TYR A 384 -16.62 17.80 26.05
CA TYR A 384 -16.91 18.64 24.89
C TYR A 384 -18.41 18.61 24.55
N LEU A 385 -19.05 17.47 24.84
CA LEU A 385 -20.50 17.36 24.70
C LEU A 385 -21.18 18.33 25.65
N LEU A 386 -20.62 18.45 26.84
CA LEU A 386 -21.17 19.30 27.89
C LEU A 386 -21.02 20.78 27.52
N GLU A 387 -19.89 21.14 26.93
CA GLU A 387 -19.64 22.50 26.51
C GLU A 387 -20.57 22.90 25.36
N ARG A 388 -20.73 21.99 24.39
CA ARG A 388 -21.62 22.22 23.26
C ARG A 388 -23.06 22.42 23.74
N GLU A 389 -23.44 21.68 24.78
CA GLU A 389 -24.79 21.77 25.32
C GLU A 389 -25.02 23.08 26.06
N LEU A 390 -24.02 23.50 26.83
CA LEU A 390 -24.07 24.80 27.51
C LEU A 390 -24.08 25.91 26.49
N GLY A 391 -23.33 25.73 25.41
CA GLY A 391 -23.27 26.71 24.34
C GLY A 391 -24.63 26.90 23.64
N GLN A 392 -25.37 25.81 23.48
CA GLN A 392 -26.68 25.89 22.84
C GLN A 392 -27.69 26.59 23.76
N ILE A 393 -27.55 26.35 25.06
CA ILE A 393 -28.32 27.08 26.06
C ILE A 393 -28.06 28.59 25.97
N MET A 394 -26.79 28.96 25.91
CA MET A 394 -26.41 30.36 25.81
C MET A 394 -26.89 30.96 24.49
N ALA A 395 -26.81 30.17 23.43
CA ALA A 395 -27.25 30.63 22.12
C ALA A 395 -28.74 30.96 22.14
N GLN A 396 -29.52 30.11 22.80
CA GLN A 396 -30.96 30.36 22.96
C GLN A 396 -31.24 31.63 23.78
N ARG A 397 -30.48 31.84 24.86
CA ARG A 397 -30.65 33.02 25.70
C ARG A 397 -30.21 34.32 25.04
N GLN A 398 -29.09 34.27 24.34
CA GLN A 398 -28.50 35.46 23.73
C GLN A 398 -28.11 35.22 22.28
N PRO A 399 -29.10 35.02 21.39
CA PRO A 399 -28.79 34.67 20.00
C PRO A 399 -28.09 35.77 19.20
N THR A 400 -28.01 36.99 19.70
CA THR A 400 -27.23 38.01 19.00
C THR A 400 -25.86 38.19 19.65
N ARG A 401 -25.60 37.42 20.71
CA ARG A 401 -24.32 37.51 21.43
C ARG A 401 -23.52 36.23 21.31
N PHE A 402 -24.17 35.09 21.58
CA PHE A 402 -23.51 33.80 21.52
C PHE A 402 -23.90 33.07 20.23
N ILE A 403 -23.00 33.17 19.25
CA ILE A 403 -23.16 32.53 17.95
C ILE A 403 -21.98 31.61 17.73
N PRO A 404 -22.21 30.30 17.65
CA PRO A 404 -21.11 29.34 17.46
C PRO A 404 -20.20 29.74 16.31
N ARG A 405 -18.90 29.60 16.49
CA ARG A 405 -17.93 30.05 15.49
C ARG A 405 -18.22 29.52 14.08
N TYR A 406 -18.55 28.24 13.99
CA TYR A 406 -18.84 27.64 12.67
C TYR A 406 -19.97 28.39 11.99
N SER A 407 -20.98 28.79 12.75
CA SER A 407 -22.12 29.53 12.21
C SER A 407 -21.74 30.94 11.79
N MET A 408 -20.87 31.60 12.56
CA MET A 408 -20.38 32.91 12.15
C MET A 408 -19.62 32.84 10.84
N VAL A 409 -18.79 31.81 10.68
CA VAL A 409 -18.01 31.66 9.47
C VAL A 409 -18.92 31.27 8.29
N THR A 410 -19.81 30.32 8.53
CA THR A 410 -20.55 29.68 7.45
C THR A 410 -21.85 30.40 7.09
N PHE A 411 -22.59 30.91 8.08
CA PHE A 411 -23.91 31.50 7.80
C PHE A 411 -23.98 33.02 7.98
N SER A 412 -22.83 33.68 8.12
CA SER A 412 -22.80 35.14 8.20
C SER A 412 -21.68 35.76 7.37
N ARG A 413 -21.74 37.08 7.24
CA ARG A 413 -20.71 37.85 6.53
C ARG A 413 -19.79 38.59 7.49
N LEU A 414 -19.86 38.23 8.77
CA LEU A 414 -18.97 38.82 9.76
C LEU A 414 -17.53 38.60 9.29
N PRO A 415 -16.68 39.66 9.36
CA PRO A 415 -15.29 39.46 8.93
C PRO A 415 -14.65 38.27 9.64
N TYR A 416 -13.91 37.43 8.91
CA TYR A 416 -13.30 36.23 9.46
C TYR A 416 -12.53 36.51 10.76
N ALA A 417 -11.81 37.62 10.82
CA ALA A 417 -10.99 37.92 12.01
C ALA A 417 -11.87 38.14 13.26
N GLN A 418 -13.03 38.76 13.09
CA GLN A 418 -13.96 38.95 14.20
C GLN A 418 -14.62 37.64 14.61
N ALA A 419 -14.99 36.83 13.60
CA ALA A 419 -15.54 35.51 13.85
C ALA A 419 -14.57 34.71 14.70
N MET A 420 -13.29 34.80 14.36
CA MET A 420 -12.28 34.08 15.13
C MET A 420 -12.13 34.63 16.54
N ALA A 421 -12.11 35.95 16.67
CA ALA A 421 -11.98 36.59 17.99
C ALA A 421 -13.13 36.24 18.91
N ARG A 422 -14.36 36.37 18.39
CA ARG A 422 -15.53 36.06 19.19
C ARG A 422 -15.57 34.56 19.50
N GLY A 423 -15.13 33.73 18.55
CA GLY A 423 -15.11 32.30 18.75
C GLY A 423 -14.18 31.93 19.89
N GLN A 424 -13.08 32.65 20.01
CA GLN A 424 -12.11 32.41 21.06
C GLN A 424 -12.70 32.72 22.42
N ILE A 425 -13.32 33.90 22.53
CA ILE A 425 -14.00 34.32 23.76
C ILE A 425 -15.03 33.30 24.22
N GLN A 426 -15.80 32.78 23.27
CA GLN A 426 -16.87 31.85 23.59
C GLN A 426 -16.33 30.50 24.12
N GLU A 427 -15.29 29.97 23.48
CA GLU A 427 -14.78 28.66 23.91
C GLU A 427 -14.18 28.75 25.30
N GLN A 428 -13.49 29.86 25.60
CA GLN A 428 -12.91 30.05 26.93
C GLN A 428 -13.99 30.15 27.99
N LEU A 429 -15.01 30.91 27.67
CA LEU A 429 -16.16 31.11 28.52
C LEU A 429 -16.79 29.75 28.86
N LEU A 430 -16.85 28.87 27.87
CA LEU A 430 -17.43 27.55 28.07
C LEU A 430 -16.54 26.69 28.98
N LYS A 431 -15.22 26.79 28.81
CA LYS A 431 -14.28 25.98 29.59
C LYS A 431 -14.30 26.29 31.09
N PHE A 432 -14.33 27.56 31.45
CA PHE A 432 -14.36 27.93 32.86
C PHE A 432 -15.68 27.54 33.54
N ALA A 433 -16.76 27.64 32.78
CA ALA A 433 -18.07 27.33 33.31
C ALA A 433 -18.24 25.83 33.49
N VAL A 434 -17.50 25.07 32.68
CA VAL A 434 -17.68 23.62 32.61
C VAL A 434 -16.78 22.88 33.59
N ALA A 435 -15.70 23.52 34.00
CA ALA A 435 -14.69 22.90 34.84
C ALA A 435 -15.30 22.41 36.16
N ASN A 436 -14.95 21.17 36.53
CA ASN A 436 -15.36 20.56 37.80
C ASN A 436 -16.86 20.34 37.92
N HIS A 437 -17.54 20.35 36.78
CA HIS A 437 -18.96 20.06 36.78
C HIS A 437 -19.21 18.92 35.80
N SER A 438 -19.78 17.84 36.29
CA SER A 438 -19.93 16.61 35.53
C SER A 438 -21.02 16.74 34.47
N ASP A 439 -22.00 17.59 34.75
CA ASP A 439 -23.03 17.92 33.78
C ASP A 439 -23.65 19.27 34.11
N LEU A 440 -24.74 19.62 33.43
CA LEU A 440 -25.37 20.93 33.62
C LEU A 440 -25.98 21.08 35.00
N THR A 441 -25.87 20.02 35.81
CA THR A 441 -26.24 20.03 37.23
C THR A 441 -25.70 21.23 37.98
N SER A 442 -24.39 21.38 37.95
CA SER A 442 -23.66 22.23 38.89
C SER A 442 -23.62 23.64 38.34
N ILE A 443 -23.63 23.71 37.01
CA ILE A 443 -23.39 24.95 36.28
C ILE A 443 -24.55 25.91 36.43
N ASN A 444 -24.32 27.00 37.17
CA ASN A 444 -25.31 28.07 37.28
C ASN A 444 -25.36 28.83 35.96
N LEU A 445 -26.43 28.60 35.21
CA LEU A 445 -26.56 29.08 33.84
C LEU A 445 -26.60 30.60 33.73
N ASP A 446 -27.32 31.25 34.65
CA ASP A 446 -27.45 32.69 34.58
C ASP A 446 -26.18 33.42 34.99
N ALA A 447 -25.27 32.73 35.67
CA ALA A 447 -23.94 33.29 35.93
C ALA A 447 -23.10 33.29 34.67
N VAL A 448 -23.34 32.29 33.82
CA VAL A 448 -22.64 32.18 32.56
C VAL A 448 -23.20 33.20 31.57
N GLU A 449 -24.50 33.46 31.67
CA GLU A 449 -25.16 34.34 30.72
C GLU A 449 -24.67 35.78 30.81
N HIS A 450 -24.47 36.34 32.01
CA HIS A 450 -23.99 37.72 32.05
C HIS A 450 -22.46 37.74 31.91
N GLU A 451 -21.84 36.56 31.95
CA GLU A 451 -20.46 36.42 31.50
C GLU A 451 -20.47 36.59 29.99
N VAL A 452 -21.51 36.08 29.35
CA VAL A 452 -21.71 36.26 27.91
C VAL A 452 -21.97 37.72 27.56
N THR A 453 -22.86 38.36 28.32
CA THR A 453 -23.20 39.75 28.04
C THR A 453 -22.03 40.68 28.37
N ARG A 454 -21.11 40.23 29.22
CA ARG A 454 -19.95 41.06 29.55
C ARG A 454 -18.98 41.20 28.39
N CYS A 455 -18.56 40.08 27.78
CA CYS A 455 -17.51 40.11 26.76
C CYS A 455 -17.96 39.93 25.32
N LEU A 456 -19.25 39.77 25.10
CA LEU A 456 -19.73 39.59 23.73
C LEU A 456 -20.82 40.60 23.37
N PRO A 457 -20.43 41.73 22.76
CA PRO A 457 -21.39 42.74 22.31
C PRO A 457 -22.40 42.16 21.32
N PRO A 458 -23.64 42.66 21.35
CA PRO A 458 -24.64 42.16 20.40
C PRO A 458 -24.28 42.53 18.98
N LEU A 459 -24.64 41.68 18.02
CA LEU A 459 -24.36 41.97 16.62
C LEU A 459 -25.63 42.05 15.79
N ALA B 9 31.20 -56.58 5.98
CA ALA B 9 30.65 -55.23 6.11
C ALA B 9 30.50 -54.55 4.76
N ARG B 10 29.27 -54.19 4.40
CA ARG B 10 29.00 -53.55 3.12
C ARG B 10 29.63 -52.16 3.05
N GLN B 11 30.10 -51.78 1.87
CA GLN B 11 30.87 -50.57 1.71
C GLN B 11 30.12 -49.59 0.83
N VAL B 12 30.25 -48.31 1.14
CA VAL B 12 29.62 -47.29 0.32
C VAL B 12 30.47 -46.01 0.30
N THR B 13 30.48 -45.38 -0.86
CA THR B 13 31.13 -44.09 -1.05
C THR B 13 30.07 -43.04 -1.38
N ILE B 14 30.07 -41.97 -0.61
CA ILE B 14 29.08 -40.91 -0.80
C ILE B 14 29.78 -39.66 -1.24
N ILE B 15 29.28 -39.05 -2.30
CA ILE B 15 29.78 -37.77 -2.78
C ILE B 15 28.87 -36.63 -2.35
N GLY B 16 29.38 -35.74 -1.50
CA GLY B 16 28.66 -34.54 -1.11
C GLY B 16 28.20 -34.60 0.33
N ALA B 17 28.86 -33.83 1.19
CA ALA B 17 28.49 -33.78 2.61
C ALA B 17 27.57 -32.60 2.85
N GLY B 18 26.45 -32.59 2.10
CA GLY B 18 25.43 -31.58 2.28
C GLY B 18 24.37 -32.12 3.21
N LEU B 19 23.10 -31.94 2.89
CA LEU B 19 22.06 -32.38 3.82
C LEU B 19 21.70 -33.86 3.61
N ALA B 20 21.40 -34.23 2.37
CA ALA B 20 21.07 -35.63 2.10
C ALA B 20 22.27 -36.57 2.32
N GLY B 21 23.45 -36.14 1.88
CA GLY B 21 24.59 -37.02 1.93
C GLY B 21 25.03 -37.33 3.34
N THR B 22 24.93 -36.33 4.21
CA THR B 22 25.44 -36.53 5.55
C THR B 22 24.42 -37.34 6.37
N LEU B 23 23.14 -37.10 6.10
CA LEU B 23 22.12 -37.90 6.78
C LEU B 23 22.22 -39.37 6.38
N VAL B 24 22.33 -39.65 5.08
CA VAL B 24 22.38 -41.03 4.66
C VAL B 24 23.67 -41.68 5.19
N ALA B 25 24.77 -40.92 5.27
CA ALA B 25 26.01 -41.44 5.88
C ALA B 25 25.78 -41.90 7.31
N ARG B 26 25.07 -41.10 8.10
CA ARG B 26 24.77 -41.50 9.48
C ARG B 26 23.91 -42.76 9.55
N LEU B 27 22.86 -42.78 8.74
CA LEU B 27 21.92 -43.89 8.77
C LEU B 27 22.61 -45.20 8.39
N LEU B 28 23.46 -45.17 7.36
CA LEU B 28 24.14 -46.39 6.94
C LEU B 28 25.25 -46.79 7.92
N ALA B 29 25.98 -45.81 8.42
CA ALA B 29 27.12 -46.11 9.28
C ALA B 29 26.66 -46.76 10.58
N ARG B 30 25.53 -46.32 11.11
CA ARG B 30 25.09 -46.86 12.38
C ARG B 30 24.42 -48.22 12.17
N ASN B 31 24.13 -48.53 10.90
CA ASN B 31 23.67 -49.85 10.48
C ASN B 31 24.81 -50.78 10.08
N GLY B 32 26.04 -50.41 10.43
CA GLY B 32 27.20 -51.26 10.22
C GLY B 32 27.94 -51.13 8.90
N TRP B 33 27.49 -50.23 8.03
CA TRP B 33 28.14 -50.01 6.74
C TRP B 33 29.48 -49.32 6.93
N GLN B 34 30.42 -49.61 6.04
CA GLN B 34 31.66 -48.86 5.96
C GLN B 34 31.40 -47.66 5.06
N VAL B 35 31.39 -46.48 5.65
CA VAL B 35 31.00 -45.28 4.91
C VAL B 35 32.16 -44.30 4.75
N ASN B 36 32.46 -43.95 3.50
CA ASN B 36 33.37 -42.83 3.23
C ASN B 36 32.64 -41.73 2.47
N LEU B 37 32.72 -40.52 2.98
CA LEU B 37 31.99 -39.40 2.45
C LEU B 37 32.99 -38.36 1.97
N PHE B 38 32.88 -37.94 0.71
CA PHE B 38 33.80 -36.96 0.13
C PHE B 38 33.09 -35.63 -0.17
N GLU B 39 33.73 -34.54 0.21
CA GLU B 39 33.11 -33.21 0.12
C GLU B 39 34.11 -32.22 -0.50
N ARG B 40 33.67 -31.47 -1.50
CA ARG B 40 34.56 -30.54 -2.19
C ARG B 40 34.98 -29.37 -1.30
N ARG B 41 34.07 -28.89 -0.47
CA ARG B 41 34.34 -27.73 0.39
C ARG B 41 35.17 -28.07 1.63
N PRO B 42 35.74 -27.04 2.28
CA PRO B 42 36.42 -27.32 3.55
C PRO B 42 35.43 -27.72 4.64
N ASP B 43 35.93 -28.29 5.73
CA ASP B 43 35.10 -28.63 6.89
C ASP B 43 34.62 -27.31 7.53
N PRO B 44 33.29 -27.08 7.51
CA PRO B 44 32.77 -25.83 8.09
C PRO B 44 32.95 -25.75 9.61
N ARG B 45 33.28 -26.86 10.26
CA ARG B 45 33.46 -26.88 11.72
C ARG B 45 34.82 -26.33 12.14
N ILE B 46 35.74 -26.21 11.18
CA ILE B 46 37.04 -25.62 11.48
C ILE B 46 36.95 -24.12 11.34
N GLU B 47 37.08 -23.40 12.44
CA GLU B 47 36.89 -21.98 12.31
C GLU B 47 38.05 -21.27 11.71
N THR B 48 37.72 -20.33 10.85
CA THR B 48 38.72 -19.51 10.20
C THR B 48 38.40 -18.07 10.52
N GLY B 49 39.12 -17.14 9.89
CA GLY B 49 38.83 -15.74 10.10
C GLY B 49 37.83 -15.20 9.10
N ALA B 50 37.24 -16.09 8.31
CA ALA B 50 36.32 -15.68 7.24
C ALA B 50 34.89 -15.40 7.73
N ARG B 51 34.15 -14.66 6.89
CA ARG B 51 32.75 -14.36 7.14
C ARG B 51 31.84 -15.55 6.86
N GLY B 52 31.57 -16.38 7.86
CA GLY B 52 30.63 -17.46 7.72
C GLY B 52 29.20 -16.95 7.66
N ARG B 53 28.68 -16.76 6.46
CA ARG B 53 27.32 -16.29 6.26
C ARG B 53 26.44 -17.40 5.68
N SER B 54 25.17 -17.43 6.07
CA SER B 54 24.31 -18.56 5.75
C SER B 54 22.83 -18.18 5.72
N ILE B 55 22.07 -18.77 4.81
CA ILE B 55 20.63 -18.55 4.81
C ILE B 55 19.97 -19.52 5.78
N ASN B 56 18.76 -19.18 6.18
CA ASN B 56 17.92 -20.11 6.90
C ASN B 56 17.01 -20.87 5.96
N LEU B 57 16.54 -21.99 6.46
CA LEU B 57 15.69 -22.89 5.71
C LEU B 57 14.47 -23.21 6.55
N ALA B 58 13.35 -23.46 5.91
CA ALA B 58 12.14 -23.89 6.60
C ALA B 58 12.17 -25.39 6.71
N LEU B 59 12.26 -25.86 7.96
CA LEU B 59 12.25 -27.28 8.27
C LEU B 59 10.82 -27.65 8.68
N ALA B 60 10.22 -28.59 7.96
CA ALA B 60 8.84 -29.00 8.23
C ALA B 60 8.78 -30.45 8.68
N GLU B 61 7.58 -31.04 8.73
CA GLU B 61 7.46 -32.36 9.35
C GLU B 61 8.25 -33.47 8.66
N ARG B 62 8.33 -33.42 7.33
CA ARG B 62 9.09 -34.43 6.59
C ARG B 62 10.56 -34.43 7.01
N GLY B 63 11.18 -33.25 6.99
CA GLY B 63 12.57 -33.14 7.37
C GLY B 63 12.77 -33.41 8.86
N ALA B 64 11.85 -32.93 9.69
CA ALA B 64 11.98 -33.14 11.14
C ALA B 64 11.86 -34.61 11.50
N HIS B 65 10.97 -35.33 10.83
CA HIS B 65 10.81 -36.75 11.07
C HIS B 65 12.05 -37.53 10.65
N ALA B 66 12.65 -37.12 9.54
CA ALA B 66 13.88 -37.77 9.09
C ALA B 66 14.97 -37.58 10.16
N LEU B 67 15.06 -36.38 10.72
CA LEU B 67 16.04 -36.12 11.77
C LEU B 67 15.69 -36.89 13.04
N ARG B 68 14.39 -37.00 13.31
CA ARG B 68 13.92 -37.77 14.47
C ARG B 68 14.37 -39.22 14.36
N LEU B 69 14.17 -39.83 13.19
CA LEU B 69 14.62 -41.21 12.98
C LEU B 69 16.14 -41.34 13.19
N ALA B 70 16.87 -40.28 12.84
CA ALA B 70 18.33 -40.28 12.95
C ALA B 70 18.83 -39.97 14.35
N GLY B 71 17.92 -39.61 15.26
CA GLY B 71 18.30 -39.21 16.60
C GLY B 71 18.88 -37.80 16.73
N LEU B 72 18.60 -36.94 15.75
CA LEU B 72 19.21 -35.61 15.71
C LEU B 72 18.22 -34.45 15.82
N GLU B 73 16.92 -34.76 15.96
CA GLU B 73 15.92 -33.71 15.91
C GLU B 73 16.05 -32.72 17.08
N ARG B 74 16.21 -33.21 18.29
CA ARG B 74 16.29 -32.31 19.44
C ARG B 74 17.47 -31.32 19.34
N GLU B 75 18.62 -31.83 18.92
CA GLU B 75 19.79 -30.98 18.74
C GLU B 75 19.53 -29.89 17.70
N VAL B 76 18.83 -30.25 16.63
CA VAL B 76 18.57 -29.29 15.55
C VAL B 76 17.54 -28.26 16.00
N LEU B 77 16.48 -28.72 16.67
CA LEU B 77 15.39 -27.83 17.08
C LEU B 77 15.85 -26.85 18.16
N ALA B 78 16.88 -27.23 18.89
CA ALA B 78 17.44 -26.34 19.92
C ALA B 78 17.98 -25.06 19.30
N GLU B 79 18.35 -25.14 18.02
CA GLU B 79 18.93 -24.00 17.31
C GLU B 79 17.96 -23.40 16.28
N ALA B 80 16.67 -23.72 16.40
CA ALA B 80 15.69 -23.32 15.39
C ALA B 80 14.64 -22.36 15.95
N VAL B 81 14.20 -21.41 15.14
CA VAL B 81 13.12 -20.48 15.55
C VAL B 81 11.76 -21.05 15.15
N MET B 82 10.83 -21.04 16.09
CA MET B 82 9.47 -21.50 15.84
C MET B 82 8.71 -20.51 14.97
N MET B 83 8.18 -20.97 13.84
CA MET B 83 7.31 -20.12 13.04
C MET B 83 5.89 -20.69 13.15
N ARG B 84 5.05 -19.96 13.86
CA ARG B 84 3.73 -20.48 14.18
C ARG B 84 2.66 -20.18 13.17
N GLY B 85 2.99 -19.30 12.25
CA GLY B 85 2.07 -18.99 11.19
C GLY B 85 2.75 -18.15 10.14
N ARG B 86 2.01 -17.83 9.09
CA ARG B 86 2.52 -16.99 8.03
C ARG B 86 2.02 -15.57 8.22
N MET B 87 2.94 -14.62 8.23
CA MET B 87 2.57 -13.21 8.32
C MET B 87 2.51 -12.62 6.94
N VAL B 88 1.30 -12.38 6.46
CA VAL B 88 1.09 -11.92 5.10
C VAL B 88 1.04 -10.40 5.09
N HIS B 89 1.91 -9.79 4.30
CA HIS B 89 2.01 -8.35 4.18
C HIS B 89 1.39 -7.92 2.87
N VAL B 90 0.09 -7.64 2.88
CA VAL B 90 -0.63 -7.19 1.69
C VAL B 90 -0.94 -5.70 1.80
N PRO B 91 -0.54 -4.91 0.78
CA PRO B 91 -0.68 -3.45 0.85
C PRO B 91 -2.14 -3.03 0.99
N GLY B 92 -2.45 -2.13 1.90
CA GLY B 92 -3.84 -1.76 2.12
C GLY B 92 -4.44 -2.29 3.41
N THR B 93 -3.81 -3.30 3.99
CA THR B 93 -4.23 -3.84 5.29
C THR B 93 -2.99 -4.06 6.16
N PRO B 94 -3.16 -4.04 7.49
CA PRO B 94 -2.01 -4.34 8.36
C PRO B 94 -1.56 -5.79 8.17
N PRO B 95 -0.31 -6.10 8.50
CA PRO B 95 0.18 -7.49 8.41
C PRO B 95 -0.80 -8.46 9.08
N ASN B 96 -1.07 -9.55 8.40
CA ASN B 96 -2.09 -10.51 8.82
C ASN B 96 -1.46 -11.86 9.12
N LEU B 97 -1.53 -12.29 10.37
CA LEU B 97 -0.95 -13.58 10.76
C LEU B 97 -1.94 -14.72 10.58
N GLN B 98 -1.56 -15.70 9.76
CA GLN B 98 -2.38 -16.89 9.55
C GLN B 98 -1.71 -18.09 10.21
N PRO B 99 -2.32 -18.59 11.30
CA PRO B 99 -1.75 -19.72 12.02
C PRO B 99 -1.69 -20.96 11.14
N TYR B 100 -0.61 -21.73 11.31
CA TYR B 100 -0.44 -22.98 10.62
C TYR B 100 -1.42 -24.03 11.14
N GLY B 101 -1.61 -24.03 12.46
CA GLY B 101 -2.60 -24.87 13.09
C GLY B 101 -3.42 -24.08 14.10
N GLU B 106 0.72 -26.83 15.14
CA GLU B 106 1.53 -27.09 13.96
C GLU B 106 2.47 -25.91 13.64
N VAL B 107 3.74 -26.22 13.38
CA VAL B 107 4.74 -25.17 13.17
C VAL B 107 5.75 -25.52 12.09
N ILE B 108 6.43 -24.50 11.58
CA ILE B 108 7.56 -24.69 10.70
C ILE B 108 8.76 -24.11 11.45
N TRP B 109 9.89 -24.79 11.35
CA TRP B 109 11.09 -24.37 12.06
C TRP B 109 12.03 -23.65 11.12
N SER B 110 12.55 -22.52 11.55
CA SER B 110 13.55 -21.83 10.77
C SER B 110 14.95 -22.17 11.32
N ILE B 111 15.74 -22.87 10.51
CA ILE B 111 17.06 -23.35 10.91
C ILE B 111 18.14 -22.83 9.97
N ASN B 112 19.24 -22.36 10.54
CA ASN B 112 20.38 -21.93 9.74
C ASN B 112 21.05 -23.10 9.01
N ARG B 113 21.28 -22.95 7.70
CA ARG B 113 21.82 -24.06 6.91
C ARG B 113 23.16 -24.58 7.45
N ASP B 114 24.08 -23.68 7.76
CA ASP B 114 25.39 -24.08 8.23
C ASP B 114 25.30 -24.82 9.55
N ARG B 115 24.46 -24.32 10.46
CA ARG B 115 24.25 -24.95 11.75
C ARG B 115 23.74 -26.38 11.59
N LEU B 116 22.76 -26.54 10.72
CA LEU B 116 22.21 -27.87 10.42
C LEU B 116 23.31 -28.76 9.86
N ASN B 117 24.11 -28.24 8.93
CA ASN B 117 25.13 -29.07 8.29
C ASN B 117 26.17 -29.51 9.32
N ARG B 118 26.53 -28.63 10.24
CA ARG B 118 27.51 -28.98 11.28
C ARG B 118 26.99 -30.07 12.20
N ILE B 119 25.72 -29.98 12.58
CA ILE B 119 25.09 -31.02 13.39
C ILE B 119 25.04 -32.37 12.66
N LEU B 120 24.71 -32.35 11.36
CA LEU B 120 24.72 -33.58 10.57
C LEU B 120 26.12 -34.16 10.45
N LEU B 121 27.13 -33.31 10.22
CA LEU B 121 28.51 -33.78 10.14
C LEU B 121 28.94 -34.51 11.42
N ASP B 122 28.72 -33.88 12.56
CA ASP B 122 29.03 -34.47 13.86
C ASP B 122 28.29 -35.81 13.99
N GLY B 123 27.04 -35.83 13.51
CA GLY B 123 26.20 -37.02 13.57
C GLY B 123 26.73 -38.18 12.75
N ALA B 124 27.21 -37.88 11.55
CA ALA B 124 27.74 -38.90 10.67
C ALA B 124 28.99 -39.51 11.27
N GLU B 125 29.87 -38.65 11.78
CA GLU B 125 31.12 -39.12 12.38
C GLU B 125 30.87 -39.93 13.67
N ALA B 126 29.90 -39.50 14.47
CA ALA B 126 29.57 -40.25 15.69
C ALA B 126 29.16 -41.69 15.37
N ALA B 127 28.50 -41.87 14.23
CA ALA B 127 27.97 -43.17 13.83
C ALA B 127 29.02 -44.03 13.16
N GLY B 128 30.16 -43.44 12.85
CA GLY B 128 31.27 -44.21 12.32
C GLY B 128 31.69 -43.87 10.92
N ALA B 129 31.03 -42.90 10.27
CA ALA B 129 31.43 -42.51 8.91
C ALA B 129 32.73 -41.72 8.90
N SER B 130 33.53 -41.90 7.83
CA SER B 130 34.74 -41.09 7.62
C SER B 130 34.45 -40.02 6.60
N ILE B 131 34.74 -38.77 6.95
CA ILE B 131 34.43 -37.66 6.05
C ILE B 131 35.73 -37.02 5.59
N HIS B 132 35.86 -36.87 4.29
CA HIS B 132 37.06 -36.34 3.67
C HIS B 132 36.72 -35.06 2.95
N PHE B 133 37.22 -33.93 3.45
CA PHE B 133 36.88 -32.65 2.87
C PHE B 133 37.94 -32.21 1.86
N ASN B 134 37.66 -31.13 1.14
CA ASN B 134 38.59 -30.54 0.18
C ASN B 134 38.92 -31.51 -0.96
N LEU B 135 37.94 -32.33 -1.32
CA LEU B 135 38.10 -33.32 -2.36
C LEU B 135 36.83 -33.37 -3.21
N GLY B 136 36.91 -32.84 -4.43
CA GLY B 136 35.73 -32.83 -5.29
C GLY B 136 35.79 -33.94 -6.32
N LEU B 137 34.65 -34.56 -6.59
CA LEU B 137 34.60 -35.62 -7.59
C LEU B 137 34.75 -35.01 -8.99
N ASP B 138 35.70 -35.52 -9.76
CA ASP B 138 35.92 -35.05 -11.13
C ASP B 138 35.32 -35.95 -12.19
N SER B 139 35.43 -37.26 -11.98
CA SER B 139 34.96 -38.21 -12.98
C SER B 139 34.82 -39.63 -12.42
N VAL B 140 34.09 -40.47 -13.13
CA VAL B 140 33.89 -41.86 -12.72
C VAL B 140 34.14 -42.82 -13.88
N ASP B 141 34.86 -43.90 -13.60
CA ASP B 141 34.98 -44.99 -14.57
C ASP B 141 34.14 -46.14 -14.05
N PHE B 142 32.94 -46.31 -14.61
CA PHE B 142 32.02 -47.31 -14.09
C PHE B 142 32.49 -48.72 -14.42
N ALA B 143 33.16 -48.87 -15.55
CA ALA B 143 33.64 -50.18 -16.00
C ALA B 143 34.73 -50.72 -15.08
N ARG B 144 35.66 -49.86 -14.71
CA ARG B 144 36.79 -50.22 -13.86
C ARG B 144 36.50 -50.00 -12.37
N GLN B 145 35.32 -49.49 -12.04
CA GLN B 145 34.91 -49.27 -10.66
C GLN B 145 35.86 -48.33 -9.92
N ARG B 146 36.26 -47.25 -10.59
CA ARG B 146 37.19 -46.30 -10.01
C ARG B 146 36.65 -44.90 -10.20
N LEU B 147 37.04 -43.99 -9.34
CA LEU B 147 36.67 -42.59 -9.54
C LEU B 147 37.88 -41.69 -9.34
N THR B 148 37.76 -40.44 -9.78
CA THR B 148 38.86 -39.51 -9.66
C THR B 148 38.40 -38.28 -8.92
N LEU B 149 39.14 -37.92 -7.88
CA LEU B 149 38.86 -36.72 -7.09
C LEU B 149 40.03 -35.76 -7.19
N SER B 150 39.80 -34.48 -6.92
CA SER B 150 40.87 -33.50 -6.88
C SER B 150 40.61 -32.43 -5.84
N ASN B 151 41.67 -31.81 -5.33
CA ASN B 151 41.47 -30.60 -4.52
C ASN B 151 41.45 -29.39 -5.44
N VAL B 152 41.36 -28.20 -4.87
CA VAL B 152 41.20 -27.00 -5.69
C VAL B 152 42.47 -26.76 -6.51
N SER B 153 43.63 -27.14 -5.98
CA SER B 153 44.88 -26.91 -6.68
C SER B 153 45.10 -27.94 -7.79
N GLY B 154 44.11 -28.81 -8.01
CA GLY B 154 44.04 -29.65 -9.20
C GLY B 154 44.63 -31.05 -9.12
N GLU B 155 45.38 -31.33 -8.05
CA GLU B 155 45.94 -32.65 -7.77
C GLU B 155 44.88 -33.76 -7.90
N ARG B 156 45.11 -34.74 -8.77
CA ARG B 156 44.13 -35.81 -8.95
C ARG B 156 44.45 -37.03 -8.09
N LEU B 157 43.40 -37.70 -7.63
CA LEU B 157 43.50 -38.86 -6.75
C LEU B 157 42.47 -39.89 -7.17
N GLU B 158 42.89 -41.15 -7.32
CA GLU B 158 41.93 -42.20 -7.71
C GLU B 158 41.56 -43.08 -6.53
N LYS B 159 40.31 -43.53 -6.53
CA LYS B 159 39.82 -44.43 -5.50
C LYS B 159 38.94 -45.50 -6.13
N ARG B 160 39.07 -46.73 -5.67
CA ARG B 160 38.13 -47.79 -6.01
C ARG B 160 36.80 -47.52 -5.28
N PHE B 161 35.67 -47.90 -5.89
CA PHE B 161 34.39 -47.86 -5.19
C PHE B 161 33.54 -49.09 -5.49
N HIS B 162 32.61 -49.38 -4.59
CA HIS B 162 31.70 -50.52 -4.70
C HIS B 162 30.27 -50.03 -4.93
N LEU B 163 29.87 -49.02 -4.17
CA LEU B 163 28.57 -48.42 -4.34
C LEU B 163 28.77 -46.92 -4.22
N LEU B 164 28.23 -46.18 -5.17
CA LEU B 164 28.41 -44.73 -5.23
C LEU B 164 27.09 -44.00 -5.06
N ILE B 165 27.03 -43.14 -4.05
CA ILE B 165 25.84 -42.32 -3.82
C ILE B 165 26.14 -40.88 -4.16
N GLY B 166 25.39 -40.35 -5.13
CA GLY B 166 25.53 -38.97 -5.55
C GLY B 166 24.59 -38.08 -4.77
N ALA B 167 25.12 -37.44 -3.74
CA ALA B 167 24.39 -36.48 -2.93
C ALA B 167 25.04 -35.11 -3.10
N ASP B 168 25.46 -34.82 -4.33
CA ASP B 168 26.34 -33.70 -4.56
C ASP B 168 25.62 -32.51 -5.22
N GLY B 169 24.33 -32.37 -4.95
CA GLY B 169 23.65 -31.11 -5.17
C GLY B 169 23.16 -30.89 -6.59
N CYS B 170 22.64 -29.69 -6.87
CA CYS B 170 21.89 -29.49 -8.11
C CYS B 170 22.75 -29.56 -9.38
N ASN B 171 24.06 -29.35 -9.24
CA ASN B 171 25.01 -29.48 -10.35
C ASN B 171 25.87 -30.71 -10.23
N SER B 172 25.25 -31.81 -9.78
CA SER B 172 25.93 -33.06 -9.45
C SER B 172 26.97 -33.54 -10.47
N ALA B 173 28.18 -33.80 -9.98
CA ALA B 173 29.22 -34.44 -10.78
C ALA B 173 28.92 -35.92 -11.00
N VAL B 174 28.29 -36.57 -10.01
CA VAL B 174 27.93 -37.98 -10.15
C VAL B 174 26.90 -38.11 -11.29
N ARG B 175 25.95 -37.17 -11.34
CA ARG B 175 24.92 -37.18 -12.39
C ARG B 175 25.56 -37.06 -13.77
N GLN B 176 26.44 -36.09 -13.91
CA GLN B 176 27.22 -35.91 -15.15
C GLN B 176 28.00 -37.17 -15.51
N ALA B 177 28.61 -37.83 -14.52
CA ALA B 177 29.38 -39.05 -14.80
C ALA B 177 28.47 -40.19 -15.29
N MET B 178 27.28 -40.29 -14.69
CA MET B 178 26.32 -41.31 -15.08
C MET B 178 25.90 -41.16 -16.54
N ALA B 179 25.97 -39.93 -17.05
CA ALA B 179 25.58 -39.65 -18.44
C ALA B 179 26.52 -40.33 -19.45
N SER B 180 27.70 -40.71 -19.01
CA SER B 180 28.61 -41.46 -19.85
C SER B 180 28.17 -42.89 -20.13
N VAL B 181 27.28 -43.43 -19.29
CA VAL B 181 26.97 -44.85 -19.40
C VAL B 181 25.47 -45.17 -19.49
N VAL B 182 24.62 -44.22 -19.15
CA VAL B 182 23.17 -44.44 -19.28
C VAL B 182 22.49 -43.16 -19.77
N ASP B 183 21.36 -43.29 -20.46
CA ASP B 183 20.53 -42.14 -20.82
C ASP B 183 19.68 -41.78 -19.61
N LEU B 184 19.97 -40.63 -19.01
CA LEU B 184 19.26 -40.21 -17.82
C LEU B 184 17.88 -39.69 -18.15
N GLY B 185 17.65 -39.42 -19.43
CA GLY B 185 16.39 -38.86 -19.89
C GLY B 185 16.09 -37.54 -19.20
N GLU B 186 17.03 -36.60 -19.26
CA GLU B 186 16.87 -35.29 -18.60
C GLU B 186 15.93 -34.34 -19.33
N HIS B 187 15.08 -33.66 -18.57
CA HIS B 187 14.31 -32.53 -19.10
C HIS B 187 14.50 -31.34 -18.17
N LEU B 188 15.07 -30.26 -18.71
CA LEU B 188 15.30 -29.05 -17.94
C LEU B 188 14.18 -28.03 -18.22
N GLU B 189 13.49 -27.58 -17.17
CA GLU B 189 12.49 -26.55 -17.32
C GLU B 189 13.01 -25.30 -16.62
N THR B 190 13.46 -24.33 -17.40
CA THR B 190 14.03 -23.12 -16.83
C THR B 190 12.94 -22.27 -16.17
N GLN B 191 13.39 -21.32 -15.36
CA GLN B 191 12.49 -20.50 -14.57
C GLN B 191 12.80 -19.03 -14.83
N PRO B 192 11.79 -18.24 -15.23
CA PRO B 192 12.05 -16.83 -15.56
C PRO B 192 12.41 -15.98 -14.34
N HIS B 193 12.03 -16.44 -13.16
CA HIS B 193 12.39 -15.77 -11.92
C HIS B 193 13.81 -16.08 -11.48
N GLY B 194 14.56 -15.04 -11.13
CA GLY B 194 15.82 -15.20 -10.41
C GLY B 194 15.57 -14.86 -8.94
N TYR B 195 16.60 -14.92 -8.12
CA TYR B 195 16.43 -14.54 -6.72
C TYR B 195 17.64 -13.83 -6.16
N LYS B 196 17.41 -12.99 -5.16
CA LYS B 196 18.50 -12.30 -4.51
C LYS B 196 18.28 -12.32 -3.01
N GLU B 197 19.34 -12.63 -2.27
CA GLU B 197 19.25 -12.75 -0.84
C GLU B 197 19.67 -11.46 -0.16
N LEU B 198 18.75 -10.91 0.62
CA LEU B 198 18.98 -9.67 1.34
C LEU B 198 18.99 -9.95 2.84
N GLN B 199 19.27 -8.90 3.61
CA GLN B 199 19.41 -9.02 5.06
C GLN B 199 18.58 -7.96 5.77
N ILE B 200 17.93 -8.35 6.86
CA ILE B 200 17.43 -7.41 7.86
C ILE B 200 18.21 -7.66 9.15
N THR B 201 18.81 -6.60 9.70
CA THR B 201 19.61 -6.76 10.92
C THR B 201 18.72 -6.89 12.16
N PRO B 202 19.28 -7.42 13.27
CA PRO B 202 18.49 -7.53 14.52
C PRO B 202 17.98 -6.16 14.98
N GLU B 203 18.79 -5.14 14.77
CA GLU B 203 18.44 -3.77 15.16
C GLU B 203 17.21 -3.32 14.39
N ALA B 204 17.27 -3.48 13.07
CA ALA B 204 16.20 -3.05 12.19
C ALA B 204 14.92 -3.84 12.42
N SER B 205 15.02 -5.16 12.56
CA SER B 205 13.82 -5.95 12.73
C SER B 205 13.13 -5.53 14.05
N ALA B 206 13.92 -5.30 15.10
CA ALA B 206 13.36 -4.89 16.38
C ALA B 206 12.73 -3.50 16.29
N GLN B 207 13.45 -2.59 15.65
CA GLN B 207 12.98 -1.21 15.50
C GLN B 207 11.62 -1.13 14.80
N PHE B 208 11.40 -1.99 13.82
CA PHE B 208 10.14 -1.97 13.08
C PHE B 208 9.16 -3.07 13.50
N ASN B 209 9.50 -3.76 14.60
CA ASN B 209 8.59 -4.69 15.24
C ASN B 209 8.18 -5.84 14.33
N LEU B 210 9.14 -6.38 13.59
CA LEU B 210 8.89 -7.50 12.71
C LEU B 210 8.84 -8.79 13.56
N GLU B 211 7.70 -9.48 13.52
CA GLU B 211 7.48 -10.67 14.37
C GLU B 211 8.51 -11.78 14.14
N PRO B 212 9.30 -12.14 15.17
CA PRO B 212 10.30 -13.20 14.96
C PRO B 212 9.72 -14.60 14.84
N ASN B 213 8.56 -14.90 15.42
CA ASN B 213 8.07 -16.27 15.37
C ASN B 213 7.04 -16.48 14.28
N ALA B 214 7.34 -15.98 13.09
CA ALA B 214 6.48 -16.15 11.92
C ALA B 214 7.34 -16.20 10.66
N LEU B 215 6.80 -16.80 9.61
CA LEU B 215 7.35 -16.71 8.26
C LEU B 215 6.67 -15.53 7.59
N HIS B 216 7.43 -14.61 7.02
CA HIS B 216 6.83 -13.42 6.41
C HIS B 216 6.81 -13.49 4.91
N ILE B 217 5.67 -13.12 4.31
CA ILE B 217 5.62 -12.98 2.86
C ILE B 217 5.05 -11.63 2.44
N TRP B 218 5.64 -11.11 1.37
CA TRP B 218 5.18 -9.88 0.71
C TRP B 218 4.76 -10.22 -0.71
N PRO B 219 3.50 -10.62 -0.90
CA PRO B 219 3.06 -10.99 -2.25
C PRO B 219 2.97 -9.77 -3.16
N HIS B 220 3.35 -9.92 -4.42
CA HIS B 220 3.22 -8.81 -5.34
C HIS B 220 3.01 -9.31 -6.77
N GLY B 221 2.21 -10.36 -6.93
CA GLY B 221 1.90 -10.88 -8.25
C GLY B 221 3.07 -11.59 -8.89
N ASP B 222 3.65 -10.98 -9.93
CA ASP B 222 4.77 -11.56 -10.66
C ASP B 222 6.09 -11.52 -9.89
N TYR B 223 6.12 -10.81 -8.78
CA TYR B 223 7.30 -10.83 -7.91
C TYR B 223 6.85 -10.82 -6.46
N MET B 224 7.78 -11.12 -5.55
CA MET B 224 7.45 -11.23 -4.13
C MET B 224 8.71 -11.31 -3.29
N CYS B 225 8.56 -11.01 -2.00
CA CYS B 225 9.62 -11.23 -1.04
C CYS B 225 9.16 -12.20 0.04
N ILE B 226 10.12 -12.95 0.57
CA ILE B 226 9.84 -13.85 1.67
C ILE B 226 10.96 -13.63 2.69
N ALA B 227 10.64 -13.77 3.98
CA ALA B 227 11.64 -13.61 5.02
C ALA B 227 11.48 -14.67 6.11
N LEU B 228 12.60 -15.28 6.49
CA LEU B 228 12.67 -16.23 7.60
C LEU B 228 13.57 -15.68 8.71
N PRO B 229 13.14 -15.88 9.97
CA PRO B 229 13.87 -15.39 11.15
C PRO B 229 15.09 -16.23 11.52
N ASN B 230 16.10 -15.55 12.04
CA ASN B 230 17.30 -16.15 12.64
C ASN B 230 17.18 -16.12 14.15
N LEU B 231 17.90 -16.99 14.86
CA LEU B 231 17.92 -16.95 16.33
C LEU B 231 18.29 -15.58 16.89
N ASP B 232 19.11 -14.83 16.17
CA ASP B 232 19.56 -13.55 16.68
C ASP B 232 18.68 -12.38 16.25
N ARG B 233 17.51 -12.69 15.70
CA ARG B 233 16.48 -11.72 15.29
C ARG B 233 16.80 -11.02 13.97
N SER B 234 17.88 -11.40 13.33
CA SER B 234 18.10 -11.00 11.94
C SER B 234 17.14 -11.81 11.07
N PHE B 235 16.90 -11.35 9.84
CA PHE B 235 16.08 -12.09 8.90
C PHE B 235 16.83 -12.21 7.58
N THR B 236 16.74 -13.36 6.96
CA THR B 236 17.22 -13.49 5.60
C THR B 236 16.02 -13.31 4.69
N VAL B 237 16.13 -12.33 3.81
CA VAL B 237 15.03 -11.98 2.91
C VAL B 237 15.38 -12.51 1.52
N THR B 238 14.40 -13.11 0.85
CA THR B 238 14.61 -13.47 -0.54
C THR B 238 13.62 -12.75 -1.44
N LEU B 239 14.16 -12.06 -2.44
CA LEU B 239 13.36 -11.45 -3.50
C LEU B 239 13.31 -12.38 -4.71
N PHE B 240 12.11 -12.73 -5.17
CA PHE B 240 11.93 -13.50 -6.40
C PHE B 240 11.40 -12.55 -7.45
N LEU B 241 12.14 -12.42 -8.55
CA LEU B 241 11.84 -11.40 -9.57
C LEU B 241 12.33 -11.88 -10.93
N HIS B 242 11.58 -11.59 -11.99
CA HIS B 242 12.03 -11.94 -13.36
C HIS B 242 13.45 -11.44 -13.62
N HIS B 243 14.27 -12.29 -14.22
CA HIS B 243 15.58 -11.86 -14.72
C HIS B 243 15.42 -10.71 -15.71
N GLN B 244 14.52 -10.91 -16.68
CA GLN B 244 14.31 -10.00 -17.81
C GLN B 244 12.85 -9.61 -17.94
N SER B 245 12.60 -8.43 -18.49
CA SER B 245 11.24 -8.00 -18.80
C SER B 245 10.81 -8.59 -20.14
N PRO B 246 9.57 -9.12 -20.21
CA PRO B 246 9.04 -9.71 -21.44
C PRO B 246 8.78 -8.69 -22.56
N ALA B 251 7.72 -2.91 -19.95
CA ALA B 251 8.80 -2.76 -18.99
C ALA B 251 8.33 -2.96 -17.56
N SER B 252 7.73 -4.13 -17.31
CA SER B 252 7.44 -4.58 -15.95
C SER B 252 8.76 -4.79 -15.20
N PRO B 253 8.72 -4.75 -13.85
CA PRO B 253 9.96 -4.89 -13.09
C PRO B 253 10.72 -6.17 -13.42
N SER B 254 12.05 -6.09 -13.37
CA SER B 254 12.92 -7.22 -13.63
C SER B 254 14.28 -6.89 -13.07
N PHE B 255 15.13 -7.90 -12.90
CA PHE B 255 16.45 -7.66 -12.35
C PHE B 255 17.29 -6.80 -13.29
N ALA B 256 17.06 -6.95 -14.59
CA ALA B 256 17.76 -6.16 -15.61
C ALA B 256 17.66 -4.66 -15.33
N GLN B 257 16.46 -4.24 -14.91
CA GLN B 257 16.18 -2.83 -14.63
C GLN B 257 16.74 -2.32 -13.31
N LEU B 258 17.26 -3.23 -12.48
CA LEU B 258 17.83 -2.84 -11.20
C LEU B 258 19.34 -2.98 -11.24
N VAL B 259 19.98 -2.21 -12.12
CA VAL B 259 21.39 -2.40 -12.42
C VAL B 259 22.31 -1.94 -11.28
N ASP B 260 21.80 -1.07 -10.40
CA ASP B 260 22.57 -0.67 -9.23
C ASP B 260 21.69 -0.49 -8.00
N GLY B 261 22.33 -0.30 -6.84
CA GLY B 261 21.65 -0.27 -5.58
C GLY B 261 20.56 0.78 -5.48
N HIS B 262 20.79 1.91 -6.13
CA HIS B 262 19.89 3.04 -5.99
C HIS B 262 18.58 2.83 -6.74
N ALA B 263 18.66 2.17 -7.89
CA ALA B 263 17.45 1.78 -8.61
C ALA B 263 16.67 0.75 -7.79
N ALA B 264 17.41 -0.18 -7.17
CA ALA B 264 16.81 -1.21 -6.33
C ALA B 264 16.06 -0.58 -5.16
N ARG B 265 16.68 0.44 -4.55
CA ARG B 265 16.06 1.16 -3.46
C ARG B 265 14.75 1.80 -3.88
N ARG B 266 14.73 2.50 -5.01
CA ARG B 266 13.51 3.19 -5.42
C ARG B 266 12.39 2.19 -5.71
N PHE B 267 12.78 1.07 -6.31
CA PHE B 267 11.88 -0.05 -6.53
C PHE B 267 11.20 -0.49 -5.23
N PHE B 268 11.99 -0.68 -4.18
CA PHE B 268 11.46 -1.17 -2.92
C PHE B 268 10.58 -0.12 -2.22
N GLN B 269 10.96 1.15 -2.35
CA GLN B 269 10.16 2.21 -1.76
C GLN B 269 8.79 2.31 -2.40
N ARG B 270 8.72 2.07 -3.70
CA ARG B 270 7.45 2.12 -4.42
C ARG B 270 6.59 0.88 -4.16
N GLN B 271 7.19 -0.29 -4.27
CA GLN B 271 6.40 -1.53 -4.34
C GLN B 271 6.40 -2.34 -3.04
N PHE B 272 7.39 -2.11 -2.19
CA PHE B 272 7.41 -2.74 -0.87
C PHE B 272 7.66 -1.69 0.21
N PRO B 273 6.71 -0.75 0.38
CA PRO B 273 6.96 0.42 1.23
C PRO B 273 7.23 0.09 2.70
N ASP B 274 6.55 -0.90 3.28
CA ASP B 274 6.75 -1.20 4.69
C ASP B 274 7.97 -2.10 4.90
N LEU B 275 8.56 -2.58 3.81
CA LEU B 275 9.73 -3.46 3.89
C LEU B 275 11.03 -2.69 3.68
N SER B 276 10.99 -1.70 2.79
CA SER B 276 12.19 -0.91 2.45
C SER B 276 12.97 -0.34 3.64
N PRO B 277 12.27 0.27 4.64
CA PRO B 277 13.01 0.86 5.77
C PRO B 277 13.84 -0.14 6.55
N MET B 278 13.44 -1.42 6.52
CA MET B 278 14.14 -2.46 7.26
C MET B 278 15.39 -2.98 6.55
N LEU B 279 15.49 -2.65 5.27
CA LEU B 279 16.62 -3.13 4.47
C LEU B 279 17.71 -2.08 4.42
N ASP B 280 18.38 -1.89 5.55
CA ASP B 280 19.47 -0.92 5.65
C ASP B 280 20.49 -1.16 4.56
N SER B 281 20.81 -2.43 4.35
CA SER B 281 21.91 -2.77 3.45
C SER B 281 21.49 -3.04 2.01
N LEU B 282 20.29 -2.59 1.62
CA LEU B 282 19.69 -2.95 0.33
C LEU B 282 20.62 -2.73 -0.85
N GLU B 283 21.20 -1.53 -0.93
CA GLU B 283 22.04 -1.14 -2.06
C GLU B 283 23.26 -2.04 -2.18
N GLN B 284 24.08 -2.08 -1.13
CA GLN B 284 25.29 -2.90 -1.09
C GLN B 284 24.99 -4.38 -1.27
N ASP B 285 23.90 -4.84 -0.67
CA ASP B 285 23.46 -6.23 -0.79
C ASP B 285 23.23 -6.58 -2.24
N PHE B 286 22.49 -5.71 -2.93
CA PHE B 286 22.06 -5.98 -4.29
C PHE B 286 23.23 -6.09 -5.27
N GLU B 287 24.28 -5.31 -5.05
CA GLU B 287 25.41 -5.29 -5.97
C GLU B 287 26.45 -6.37 -5.68
N HIS B 288 26.58 -6.75 -4.41
CA HIS B 288 27.58 -7.75 -4.03
C HIS B 288 27.02 -9.16 -3.96
N HIS B 289 25.71 -9.31 -3.81
CA HIS B 289 25.07 -10.62 -3.90
C HIS B 289 24.64 -10.87 -5.34
N PRO B 290 25.24 -11.88 -5.99
CA PRO B 290 24.85 -12.22 -7.38
C PRO B 290 23.41 -12.69 -7.46
N THR B 291 22.80 -12.57 -8.64
CA THR B 291 21.41 -12.99 -8.83
C THR B 291 21.36 -14.48 -9.09
N GLY B 292 20.60 -15.20 -8.27
CA GLY B 292 20.60 -16.65 -8.37
C GLY B 292 19.68 -17.15 -9.46
N LYS B 293 19.99 -18.33 -9.99
CA LYS B 293 19.16 -18.94 -11.02
C LYS B 293 18.33 -20.09 -10.48
N LEU B 294 17.12 -20.24 -11.03
CA LEU B 294 16.17 -21.25 -10.59
C LEU B 294 15.79 -22.17 -11.75
N ALA B 295 15.59 -23.45 -11.47
CA ALA B 295 15.20 -24.39 -12.52
C ALA B 295 14.64 -25.67 -11.94
N THR B 296 13.89 -26.40 -12.79
CA THR B 296 13.40 -27.72 -12.44
C THR B 296 14.08 -28.70 -13.40
N LEU B 297 14.71 -29.73 -12.84
CA LEU B 297 15.33 -30.74 -13.68
C LEU B 297 14.75 -32.11 -13.35
N ARG B 298 14.20 -32.79 -14.36
CA ARG B 298 13.55 -34.09 -14.15
C ARG B 298 14.35 -35.16 -14.90
N LEU B 299 14.60 -36.29 -14.22
CA LEU B 299 15.31 -37.43 -14.79
C LEU B 299 14.39 -38.64 -14.84
N THR B 300 14.47 -39.45 -15.90
CA THR B 300 13.70 -40.69 -15.94
C THR B 300 14.39 -41.78 -15.13
N THR B 301 15.71 -41.76 -15.08
CA THR B 301 16.41 -42.74 -14.22
C THR B 301 17.40 -42.08 -13.27
N TRP B 302 17.50 -42.67 -12.09
CA TRP B 302 18.33 -42.15 -11.01
C TRP B 302 19.51 -43.03 -10.66
N HIS B 303 19.68 -44.16 -11.36
CA HIS B 303 20.72 -45.11 -10.98
C HIS B 303 21.34 -45.82 -12.16
N VAL B 304 22.54 -46.34 -11.91
CA VAL B 304 23.27 -47.15 -12.89
C VAL B 304 23.44 -48.53 -12.25
N GLY B 305 22.58 -49.47 -12.65
CA GLY B 305 22.58 -50.80 -12.08
C GLY B 305 22.60 -50.80 -10.56
N GLY B 306 23.56 -51.51 -9.97
CA GLY B 306 23.75 -51.49 -8.54
C GLY B 306 24.95 -50.65 -8.12
N GLN B 307 25.50 -49.91 -9.07
CA GLN B 307 26.76 -49.21 -8.85
C GLN B 307 26.61 -47.79 -8.33
N ALA B 308 25.57 -47.07 -8.79
CA ALA B 308 25.45 -45.66 -8.42
C ALA B 308 24.01 -45.19 -8.42
N VAL B 309 23.70 -44.25 -7.53
CA VAL B 309 22.34 -43.69 -7.42
C VAL B 309 22.43 -42.22 -7.05
N LEU B 310 21.44 -41.45 -7.48
CA LEU B 310 21.31 -40.04 -7.11
C LEU B 310 20.27 -39.82 -6.00
N LEU B 311 20.51 -38.79 -5.20
CA LEU B 311 19.69 -38.46 -4.04
C LEU B 311 19.56 -36.94 -3.93
N GLY B 312 18.41 -36.44 -3.48
CA GLY B 312 18.32 -35.01 -3.19
C GLY B 312 18.34 -34.13 -4.44
N ASP B 313 18.93 -32.94 -4.32
CA ASP B 313 19.07 -32.01 -5.44
C ASP B 313 19.78 -32.64 -6.64
N ALA B 314 20.66 -33.61 -6.40
CA ALA B 314 21.34 -34.27 -7.51
C ALA B 314 20.35 -35.03 -8.40
N ALA B 315 19.28 -35.52 -7.79
CA ALA B 315 18.30 -36.30 -8.53
C ALA B 315 17.18 -35.44 -9.07
N HIS B 316 16.81 -34.38 -8.36
CA HIS B 316 15.59 -33.65 -8.72
C HIS B 316 15.60 -32.19 -8.31
N PRO B 317 16.48 -31.39 -8.95
CA PRO B 317 16.46 -29.94 -8.72
C PRO B 317 15.04 -29.40 -8.85
N MET B 318 14.63 -28.55 -7.91
CA MET B 318 13.28 -28.01 -7.93
C MET B 318 13.29 -26.51 -7.61
N VAL B 319 12.23 -25.81 -7.99
CA VAL B 319 12.14 -24.39 -7.64
C VAL B 319 11.84 -24.28 -6.14
N PRO B 320 12.45 -23.30 -5.47
CA PRO B 320 12.34 -23.19 -4.00
C PRO B 320 11.08 -22.48 -3.54
N PHE B 321 9.95 -22.69 -4.23
CA PHE B 321 8.73 -21.96 -3.89
C PHE B 321 7.84 -22.66 -2.86
N HIS B 322 8.23 -23.86 -2.43
CA HIS B 322 7.46 -24.57 -1.40
C HIS B 322 8.27 -24.82 -0.11
N GLY B 323 9.55 -24.46 -0.10
CA GLY B 323 10.37 -24.71 1.07
C GLY B 323 10.44 -26.19 1.39
N GLN B 324 10.63 -27.00 0.36
CA GLN B 324 10.62 -28.44 0.53
C GLN B 324 11.83 -29.18 -0.01
N GLY B 325 12.79 -28.44 -0.59
CA GLY B 325 13.95 -29.10 -1.18
C GLY B 325 14.81 -29.87 -0.19
N MET B 326 15.15 -29.22 0.93
CA MET B 326 15.86 -29.89 2.02
C MET B 326 14.97 -30.98 2.62
N ASN B 327 13.71 -30.66 2.86
CA ASN B 327 12.78 -31.62 3.44
C ASN B 327 12.69 -32.88 2.58
N CYS B 328 12.61 -32.68 1.27
CA CYS B 328 12.54 -33.81 0.36
C CYS B 328 13.87 -34.58 0.35
N ALA B 329 14.99 -33.87 0.44
CA ALA B 329 16.30 -34.52 0.40
C ALA B 329 16.52 -35.40 1.64
N LEU B 330 16.05 -34.93 2.79
CA LEU B 330 16.19 -35.70 4.03
C LEU B 330 15.28 -36.92 3.98
N GLU B 331 14.08 -36.75 3.42
CA GLU B 331 13.16 -37.87 3.19
C GLU B 331 13.76 -38.90 2.22
N ASP B 332 14.41 -38.43 1.16
CA ASP B 332 15.15 -39.30 0.23
C ASP B 332 16.20 -40.14 0.98
N ALA B 333 16.96 -39.51 1.87
CA ALA B 333 18.04 -40.19 2.57
C ALA B 333 17.50 -41.37 3.38
N VAL B 334 16.42 -41.11 4.11
CA VAL B 334 15.79 -42.17 4.91
C VAL B 334 15.36 -43.34 4.03
N ALA B 335 14.66 -43.04 2.93
CA ALA B 335 14.19 -44.07 2.00
C ALA B 335 15.36 -44.85 1.38
N LEU B 336 16.42 -44.15 0.99
CA LEU B 336 17.56 -44.85 0.38
C LEU B 336 18.22 -45.78 1.38
N ALA B 337 18.44 -45.31 2.60
CA ALA B 337 19.03 -46.16 3.63
C ALA B 337 18.16 -47.39 3.88
N GLU B 338 16.84 -47.19 3.94
CA GLU B 338 15.88 -48.28 4.17
C GLU B 338 15.95 -49.34 3.07
N HIS B 339 15.96 -48.91 1.82
CA HIS B 339 16.07 -49.87 0.70
C HIS B 339 17.41 -50.62 0.72
N LEU B 340 18.52 -49.89 0.87
CA LEU B 340 19.85 -50.51 0.90
C LEU B 340 19.98 -51.51 2.04
N GLN B 341 19.39 -51.20 3.18
CA GLN B 341 19.55 -52.07 4.33
C GLN B 341 18.90 -53.43 4.11
N SER B 342 17.73 -53.46 3.47
CA SER B 342 16.91 -54.68 3.45
C SER B 342 16.74 -55.41 2.11
N ALA B 343 17.36 -54.88 1.06
CA ALA B 343 17.18 -55.47 -0.27
C ALA B 343 18.05 -56.72 -0.46
N ALA B 344 17.67 -57.52 -1.45
CA ALA B 344 18.39 -58.73 -1.82
C ALA B 344 19.82 -58.40 -2.26
N ASP B 345 19.97 -57.27 -2.95
CA ASP B 345 21.27 -56.81 -3.42
C ASP B 345 21.19 -55.32 -3.73
N ASN B 346 22.33 -54.70 -4.00
CA ASN B 346 22.34 -53.25 -4.26
C ASN B 346 21.55 -52.87 -5.51
N ALA B 347 21.61 -53.67 -6.56
CA ALA B 347 20.86 -53.36 -7.77
C ALA B 347 19.36 -53.33 -7.51
N SER B 348 18.86 -54.29 -6.74
CA SER B 348 17.45 -54.32 -6.36
C SER B 348 17.08 -53.11 -5.51
N ALA B 349 17.96 -52.76 -4.57
CA ALA B 349 17.71 -51.62 -3.68
C ALA B 349 17.56 -50.31 -4.47
N LEU B 350 18.50 -50.08 -5.40
CA LEU B 350 18.51 -48.84 -6.17
C LEU B 350 17.32 -48.75 -7.13
N ALA B 351 17.00 -49.84 -7.80
CA ALA B 351 15.80 -49.86 -8.65
C ALA B 351 14.52 -49.59 -7.83
N ALA B 352 14.39 -50.20 -6.66
CA ALA B 352 13.18 -50.01 -5.83
C ALA B 352 13.12 -48.62 -5.20
N PHE B 353 14.27 -48.09 -4.81
CA PHE B 353 14.32 -46.71 -4.28
C PHE B 353 13.84 -45.73 -5.36
N THR B 354 14.36 -45.88 -6.56
CA THR B 354 14.03 -45.01 -7.69
C THR B 354 12.55 -45.12 -8.02
N ALA B 355 12.05 -46.36 -8.05
CA ALA B 355 10.63 -46.62 -8.33
C ALA B 355 9.70 -45.98 -7.29
N GLN B 356 10.06 -46.05 -6.01
CA GLN B 356 9.30 -45.43 -4.95
C GLN B 356 9.34 -43.89 -4.97
N ARG B 357 10.54 -43.32 -5.13
CA ARG B 357 10.68 -41.89 -4.92
C ARG B 357 10.42 -41.04 -6.17
N GLN B 358 10.62 -41.60 -7.37
CA GLN B 358 10.52 -40.81 -8.59
C GLN B 358 9.15 -40.13 -8.81
N PRO B 359 8.05 -40.87 -8.59
CA PRO B 359 6.77 -40.17 -8.73
C PRO B 359 6.54 -39.13 -7.65
N ASP B 360 7.12 -39.34 -6.46
CA ASP B 360 6.99 -38.35 -5.38
C ASP B 360 7.84 -37.11 -5.66
N ALA B 361 9.03 -37.29 -6.20
CA ALA B 361 9.86 -36.15 -6.60
C ALA B 361 9.16 -35.34 -7.70
N LEU B 362 8.60 -36.01 -8.70
CA LEU B 362 7.86 -35.33 -9.75
C LEU B 362 6.72 -34.51 -9.15
N ALA B 363 6.03 -35.08 -8.16
CA ALA B 363 4.90 -34.39 -7.52
C ALA B 363 5.31 -33.10 -6.82
N ILE B 364 6.36 -33.14 -6.00
CA ILE B 364 6.74 -31.95 -5.26
C ILE B 364 7.32 -30.90 -6.22
N GLN B 365 7.99 -31.36 -7.28
CA GLN B 365 8.47 -30.43 -8.31
C GLN B 365 7.28 -29.64 -8.90
N ALA B 366 6.20 -30.35 -9.19
CA ALA B 366 5.02 -29.73 -9.78
C ALA B 366 4.30 -28.81 -8.79
N MET B 367 4.14 -29.27 -7.55
CA MET B 367 3.47 -28.46 -6.52
C MET B 367 4.29 -27.22 -6.13
N ALA B 368 5.62 -27.35 -6.13
CA ALA B 368 6.46 -26.18 -5.86
C ALA B 368 6.24 -25.08 -6.90
N LEU B 369 6.20 -25.46 -8.17
CA LEU B 369 5.93 -24.51 -9.25
C LEU B 369 4.57 -23.84 -9.05
N GLU B 370 3.55 -24.65 -8.74
CA GLU B 370 2.20 -24.14 -8.49
C GLU B 370 2.11 -23.23 -7.26
N ASN B 371 2.91 -23.50 -6.23
CA ASN B 371 2.79 -22.77 -4.98
C ASN B 371 3.20 -21.32 -5.10
N TYR B 372 4.02 -21.00 -6.09
CA TYR B 372 4.40 -19.62 -6.32
C TYR B 372 3.15 -18.76 -6.56
N VAL B 373 2.29 -19.20 -7.47
CA VAL B 373 1.10 -18.43 -7.83
C VAL B 373 0.19 -18.27 -6.61
N GLU B 374 0.08 -19.33 -5.83
CA GLU B 374 -0.75 -19.32 -4.63
C GLU B 374 -0.25 -18.28 -3.62
N MET B 375 1.07 -18.19 -3.54
CA MET B 375 1.74 -17.42 -2.51
C MET B 375 1.92 -15.95 -2.92
N SER B 376 1.95 -15.67 -4.23
CA SER B 376 2.20 -14.29 -4.66
C SER B 376 0.99 -13.65 -5.34
N SER B 377 0.13 -14.46 -5.95
CA SER B 377 -0.94 -13.92 -6.79
C SER B 377 -2.33 -14.12 -6.22
N LYS B 378 -2.53 -15.26 -5.55
CA LYS B 378 -3.88 -15.64 -5.15
C LYS B 378 -4.24 -15.23 -3.73
N VAL B 379 -3.26 -15.02 -2.85
CA VAL B 379 -3.53 -14.67 -1.46
C VAL B 379 -4.32 -13.36 -1.26
N ALA B 380 -4.50 -12.58 -2.33
CA ALA B 380 -5.24 -11.33 -2.24
C ALA B 380 -6.56 -11.39 -3.03
N SER B 381 -6.75 -12.46 -3.79
CA SER B 381 -7.94 -12.65 -4.61
C SER B 381 -9.18 -13.01 -3.78
N PRO B 382 -10.32 -12.33 -4.04
CA PRO B 382 -11.60 -12.60 -3.37
C PRO B 382 -12.15 -14.03 -3.59
N THR B 383 -12.11 -14.53 -4.82
CA THR B 383 -12.60 -15.88 -5.12
C THR B 383 -11.82 -16.95 -4.35
N TYR B 384 -10.51 -16.79 -4.30
CA TYR B 384 -9.68 -17.79 -3.69
C TYR B 384 -9.75 -17.76 -2.15
N LEU B 385 -10.06 -16.58 -1.60
CA LEU B 385 -10.30 -16.47 -0.17
C LEU B 385 -11.55 -17.25 0.22
N LEU B 386 -12.59 -17.15 -0.60
CA LEU B 386 -13.82 -17.89 -0.35
C LEU B 386 -13.58 -19.40 -0.38
N GLU B 387 -12.84 -19.86 -1.38
CA GLU B 387 -12.45 -21.27 -1.47
C GLU B 387 -11.69 -21.70 -0.22
N ARG B 388 -10.83 -20.82 0.28
CA ARG B 388 -10.03 -21.12 1.48
C ARG B 388 -10.91 -21.32 2.72
N GLU B 389 -11.90 -20.44 2.89
CA GLU B 389 -12.79 -20.51 4.03
C GLU B 389 -13.71 -21.73 3.93
N LEU B 390 -14.12 -22.06 2.72
CA LEU B 390 -14.90 -23.27 2.53
C LEU B 390 -14.04 -24.50 2.85
N GLY B 391 -12.78 -24.45 2.43
CA GLY B 391 -11.86 -25.55 2.66
C GLY B 391 -11.68 -25.84 4.15
N GLN B 392 -11.67 -24.77 4.95
CA GLN B 392 -11.52 -24.91 6.39
C GLN B 392 -12.73 -25.62 7.02
N ILE B 393 -13.93 -25.25 6.57
CA ILE B 393 -15.15 -25.92 7.03
C ILE B 393 -15.12 -27.40 6.69
N MET B 394 -14.71 -27.73 5.46
CA MET B 394 -14.65 -29.11 5.03
C MET B 394 -13.62 -29.89 5.83
N ALA B 395 -12.52 -29.22 6.18
CA ALA B 395 -11.46 -29.86 6.97
C ALA B 395 -11.96 -30.18 8.37
N GLN B 396 -12.87 -29.35 8.87
CA GLN B 396 -13.45 -29.59 10.18
C GLN B 396 -14.50 -30.71 10.17
N ARG B 397 -15.37 -30.71 9.17
CA ARG B 397 -16.40 -31.73 9.06
C ARG B 397 -15.85 -33.11 8.70
N GLN B 398 -14.76 -33.14 7.93
CA GLN B 398 -14.26 -34.39 7.39
C GLN B 398 -12.74 -34.47 7.50
N PRO B 399 -12.23 -34.49 8.73
CA PRO B 399 -10.79 -34.27 8.98
C PRO B 399 -9.84 -35.36 8.48
N THR B 400 -10.35 -36.55 8.15
CA THR B 400 -9.48 -37.57 7.60
C THR B 400 -9.71 -37.72 6.09
N ARG B 401 -10.51 -36.81 5.53
CA ARG B 401 -10.77 -36.83 4.10
C ARG B 401 -10.28 -35.55 3.44
N PHE B 402 -10.62 -34.41 4.02
CA PHE B 402 -10.25 -33.13 3.43
C PHE B 402 -9.13 -32.52 4.24
N ILE B 403 -7.93 -32.61 3.71
CA ILE B 403 -6.76 -32.03 4.35
C ILE B 403 -6.14 -31.12 3.32
N PRO B 404 -6.14 -29.80 3.59
CA PRO B 404 -5.63 -28.82 2.62
C PRO B 404 -4.27 -29.24 2.11
N ARG B 405 -4.03 -29.07 0.81
CA ARG B 405 -2.82 -29.57 0.20
C ARG B 405 -1.56 -29.04 0.88
N TYR B 406 -1.57 -27.76 1.24
CA TYR B 406 -0.39 -27.18 1.89
C TYR B 406 -0.08 -27.94 3.18
N SER B 407 -1.11 -28.36 3.91
CA SER B 407 -0.92 -29.11 5.14
C SER B 407 -0.45 -30.55 4.89
N MET B 408 -0.95 -31.19 3.84
CA MET B 408 -0.50 -32.54 3.52
C MET B 408 0.99 -32.53 3.23
N VAL B 409 1.43 -31.48 2.53
CA VAL B 409 2.84 -31.37 2.12
C VAL B 409 3.72 -30.97 3.30
N THR B 410 3.26 -29.96 4.04
CA THR B 410 4.09 -29.36 5.07
C THR B 410 4.04 -30.08 6.42
N PHE B 411 2.86 -30.60 6.81
CA PHE B 411 2.69 -31.10 8.17
C PHE B 411 2.34 -32.58 8.24
N SER B 412 2.50 -33.30 7.13
CA SER B 412 2.33 -34.74 7.13
C SER B 412 3.41 -35.44 6.31
N ARG B 413 3.46 -36.76 6.39
CA ARG B 413 4.41 -37.54 5.60
C ARG B 413 3.74 -38.35 4.52
N LEU B 414 2.52 -37.97 4.17
CA LEU B 414 1.84 -38.59 3.03
C LEU B 414 2.73 -38.47 1.78
N PRO B 415 2.87 -39.57 1.02
CA PRO B 415 3.70 -39.50 -0.19
C PRO B 415 3.27 -38.32 -1.09
N TYR B 416 4.23 -37.53 -1.55
CA TYR B 416 3.92 -36.33 -2.33
C TYR B 416 2.93 -36.56 -3.48
N ALA B 417 3.06 -37.68 -4.17
CA ALA B 417 2.21 -37.97 -5.33
C ALA B 417 0.74 -38.07 -4.90
N GLN B 418 0.53 -38.58 -3.69
CA GLN B 418 -0.81 -38.77 -3.17
C GLN B 418 -1.37 -37.46 -2.65
N ALA B 419 -0.51 -36.64 -2.08
CA ALA B 419 -0.88 -35.30 -1.65
C ALA B 419 -1.30 -34.48 -2.84
N MET B 420 -0.57 -34.62 -3.95
CA MET B 420 -0.88 -33.87 -5.16
C MET B 420 -2.21 -34.36 -5.74
N ALA B 421 -2.40 -35.68 -5.77
CA ALA B 421 -3.61 -36.28 -6.35
C ALA B 421 -4.85 -35.89 -5.56
N ARG B 422 -4.80 -36.05 -4.25
CA ARG B 422 -5.92 -35.66 -3.38
C ARG B 422 -6.10 -34.15 -3.45
N GLY B 423 -4.97 -33.44 -3.58
CA GLY B 423 -5.00 -32.01 -3.74
C GLY B 423 -5.77 -31.56 -4.97
N GLN B 424 -5.62 -32.30 -6.07
CA GLN B 424 -6.32 -31.96 -7.31
C GLN B 424 -7.83 -32.15 -7.15
N ILE B 425 -8.22 -33.23 -6.48
CA ILE B 425 -9.63 -33.50 -6.21
C ILE B 425 -10.23 -32.39 -5.32
N GLN B 426 -9.50 -32.03 -4.27
CA GLN B 426 -9.96 -30.97 -3.37
C GLN B 426 -10.07 -29.61 -4.07
N GLU B 427 -9.09 -29.28 -4.91
CA GLU B 427 -9.13 -28.03 -5.63
C GLU B 427 -10.37 -27.92 -6.54
N GLN B 428 -10.63 -28.97 -7.31
CA GLN B 428 -11.80 -29.00 -8.20
C GLN B 428 -13.10 -28.87 -7.42
N LEU B 429 -13.19 -29.68 -6.38
CA LEU B 429 -14.31 -29.65 -5.44
C LEU B 429 -14.62 -28.21 -4.96
N LEU B 430 -13.59 -27.51 -4.47
CA LEU B 430 -13.80 -26.15 -3.99
C LEU B 430 -14.16 -25.19 -5.12
N LYS B 431 -13.49 -25.37 -6.26
CA LYS B 431 -13.70 -24.48 -7.38
C LYS B 431 -15.14 -24.54 -7.89
N PHE B 432 -15.68 -25.75 -8.06
CA PHE B 432 -17.06 -25.87 -8.56
C PHE B 432 -18.07 -25.41 -7.51
N ALA B 433 -17.77 -25.69 -6.24
CA ALA B 433 -18.68 -25.33 -5.15
C ALA B 433 -18.84 -23.82 -5.03
N VAL B 434 -17.75 -23.09 -5.28
CA VAL B 434 -17.74 -21.65 -5.06
C VAL B 434 -18.15 -20.85 -6.31
N ALA B 435 -18.04 -21.45 -7.49
CA ALA B 435 -18.41 -20.78 -8.74
C ALA B 435 -19.84 -20.22 -8.70
N ASN B 436 -19.98 -18.97 -9.17
CA ASN B 436 -21.25 -18.25 -9.25
C ASN B 436 -21.89 -18.00 -7.90
N HIS B 437 -21.06 -17.93 -6.86
CA HIS B 437 -21.50 -17.52 -5.54
C HIS B 437 -20.58 -16.43 -5.04
N SER B 438 -21.16 -15.33 -4.55
CA SER B 438 -20.37 -14.17 -4.16
C SER B 438 -19.89 -14.28 -2.71
N ASP B 439 -20.54 -15.12 -1.91
CA ASP B 439 -20.06 -15.39 -0.57
C ASP B 439 -20.51 -16.75 -0.03
N LEU B 440 -20.09 -17.04 1.19
CA LEU B 440 -20.30 -18.35 1.79
C LEU B 440 -21.76 -18.63 2.14
N THR B 441 -22.53 -17.57 2.38
CA THR B 441 -23.94 -17.70 2.74
C THR B 441 -24.74 -18.39 1.64
N SER B 442 -24.27 -18.21 0.41
CA SER B 442 -24.95 -18.71 -0.77
C SER B 442 -24.70 -20.19 -1.02
N ILE B 443 -23.69 -20.76 -0.35
CA ILE B 443 -23.23 -22.10 -0.66
C ILE B 443 -23.87 -23.17 0.24
N ASN B 444 -24.38 -24.21 -0.39
CA ASN B 444 -24.92 -25.39 0.30
C ASN B 444 -23.78 -26.24 0.86
N LEU B 445 -23.51 -26.08 2.15
CA LEU B 445 -22.33 -26.72 2.76
C LEU B 445 -22.45 -28.23 2.79
N ASP B 446 -23.66 -28.73 3.03
CA ASP B 446 -23.89 -30.17 3.12
C ASP B 446 -23.66 -30.83 1.76
N ALA B 447 -23.98 -30.13 0.68
CA ALA B 447 -23.75 -30.67 -0.67
C ALA B 447 -22.27 -30.83 -0.97
N VAL B 448 -21.49 -29.82 -0.56
CA VAL B 448 -20.03 -29.87 -0.72
C VAL B 448 -19.46 -31.03 0.09
N GLU B 449 -19.91 -31.13 1.34
CA GLU B 449 -19.48 -32.21 2.22
C GLU B 449 -19.78 -33.57 1.62
N HIS B 450 -20.93 -33.69 0.96
CA HIS B 450 -21.31 -34.92 0.26
C HIS B 450 -20.33 -35.30 -0.85
N GLU B 451 -19.85 -34.31 -1.61
CA GLU B 451 -18.85 -34.58 -2.64
C GLU B 451 -17.52 -34.98 -2.00
N VAL B 452 -17.22 -34.45 -0.81
CA VAL B 452 -16.03 -34.82 -0.09
C VAL B 452 -16.05 -36.31 0.27
N THR B 453 -17.15 -36.78 0.89
CA THR B 453 -17.23 -38.18 1.30
C THR B 453 -17.29 -39.11 0.09
N ARG B 454 -17.76 -38.60 -1.03
CA ARG B 454 -17.85 -39.43 -2.23
C ARG B 454 -16.54 -39.52 -3.04
N CYS B 455 -15.65 -38.53 -2.90
CA CYS B 455 -14.49 -38.46 -3.77
C CYS B 455 -13.16 -38.61 -3.04
N LEU B 456 -13.19 -38.51 -1.71
CA LEU B 456 -11.96 -38.56 -0.92
C LEU B 456 -12.03 -39.61 0.19
N PRO B 457 -11.41 -40.79 -0.05
CA PRO B 457 -11.37 -41.87 0.95
C PRO B 457 -10.66 -41.41 2.22
N PRO B 458 -11.05 -41.95 3.38
CA PRO B 458 -10.44 -41.52 4.65
C PRO B 458 -8.98 -41.97 4.77
N LEU B 459 -8.16 -41.18 5.46
CA LEU B 459 -6.76 -41.52 5.70
C LEU B 459 -6.52 -41.97 7.14
N SER B 460 -5.25 -42.13 7.52
CA SER B 460 -4.88 -42.45 8.89
C SER B 460 -3.39 -42.21 9.14
PA FAD C . -9.11 28.91 -9.06
O1A FAD C . -10.55 28.54 -8.90
O2A FAD C . -8.19 27.74 -8.85
O5B FAD C . -8.93 29.51 -10.50
C5B FAD C . -7.61 29.86 -10.97
C4B FAD C . -7.70 29.92 -12.47
O4B FAD C . -6.44 30.36 -13.02
C3B FAD C . -8.02 28.56 -13.14
O3B FAD C . -9.10 28.69 -14.07
C2B FAD C . -6.68 28.16 -13.78
O2B FAD C . -6.82 27.37 -14.95
C1B FAD C . -6.09 29.53 -14.10
N9A FAD C . -4.64 29.59 -14.25
C8A FAD C . -3.70 29.02 -13.45
N7A FAD C . -2.46 29.36 -13.77
C5A FAD C . -2.63 30.19 -14.85
C6A FAD C . -1.70 30.90 -15.66
N6A FAD C . -0.38 30.85 -15.48
N1A FAD C . -2.19 31.65 -16.67
C2A FAD C . -3.52 31.73 -16.84
N3A FAD C . -4.48 31.12 -16.14
C4A FAD C . -3.97 30.36 -15.16
N1 FAD C . -13.77 26.08 -1.32
C2 FAD C . -15.00 26.34 -0.79
O2 FAD C . -15.37 27.51 -0.53
N3 FAD C . -15.84 25.29 -0.46
C4 FAD C . -15.54 23.95 -0.57
O4 FAD C . -16.38 23.10 -0.32
C4X FAD C . -14.19 23.69 -1.08
N5 FAD C . -13.78 22.45 -1.15
C5X FAD C . -12.48 22.21 -1.61
C6 FAD C . -11.98 20.90 -1.61
C7 FAD C . -10.67 20.63 -2.00
C7M FAD C . -10.15 19.21 -1.97
C8 FAD C . -9.84 21.68 -2.43
C8M FAD C . -8.45 21.42 -2.93
C9 FAD C . -10.33 22.98 -2.44
C9A FAD C . -11.64 23.25 -2.02
N10 FAD C . -12.13 24.57 -1.93
C10 FAD C . -13.38 24.83 -1.45
C1' FAD C . -11.25 25.70 -2.30
C2' FAD C . -11.51 26.23 -3.71
O2' FAD C . -11.38 25.19 -4.69
C3' FAD C . -10.56 27.37 -4.09
O3' FAD C . -10.21 28.16 -2.95
C4' FAD C . -11.03 28.32 -5.18
O4' FAD C . -11.23 27.60 -6.39
C5' FAD C . -10.07 29.47 -5.40
O5' FAD C . -10.68 30.32 -6.39
P FAD C . -9.64 31.12 -7.35
O1P FAD C . -10.43 31.79 -8.39
O2P FAD C . -8.76 32.02 -6.48
O3P FAD C . -8.70 30.04 -8.01
PA FAD D . 23.26 -29.73 -0.97
O1A FAD D . 22.70 -29.29 0.32
O2A FAD D . 23.41 -28.63 -1.98
O5B FAD D . 24.66 -30.43 -0.67
C5B FAD D . 25.43 -30.90 -1.80
C4B FAD D . 26.84 -31.05 -1.31
O4B FAD D . 27.65 -31.61 -2.37
C3B FAD D . 27.53 -29.73 -0.90
O3B FAD D . 28.14 -29.83 0.39
C2B FAD D . 28.53 -29.48 -2.03
O2B FAD D . 29.68 -28.75 -1.62
C1B FAD D . 28.88 -30.91 -2.40
N9A FAD D . 29.44 -31.08 -3.74
C8A FAD D . 28.99 -30.53 -4.90
N7A FAD D . 29.64 -30.94 -5.97
C5A FAD D . 30.58 -31.81 -5.47
C6A FAD D . 31.58 -32.60 -6.08
N6A FAD D . 31.82 -32.59 -7.40
N1A FAD D . 32.34 -33.39 -5.29
C2A FAD D . 32.12 -33.37 -3.97
N3A FAD D . 31.22 -32.67 -3.28
C4A FAD D . 30.48 -31.90 -4.09
N1 FAD D . 14.65 -26.30 1.14
C2 FAD D . 13.77 -26.46 2.19
O2 FAD D . 13.38 -27.57 2.57
N3 FAD D . 13.28 -25.33 2.85
C4 FAD D . 13.55 -24.02 2.54
O4 FAD D . 13.08 -23.11 3.22
C4X FAD D . 14.44 -23.86 1.39
N5 FAD D . 14.70 -22.65 0.96
C5X FAD D . 15.51 -22.50 -0.17
C6 FAD D . 15.72 -21.22 -0.69
C7 FAD D . 16.49 -21.03 -1.84
C7M FAD D . 16.68 -19.63 -2.38
C8 FAD D . 17.08 -22.14 -2.46
C8M FAD D . 17.93 -21.96 -3.68
C9 FAD D . 16.87 -23.41 -1.94
C9A FAD D . 16.08 -23.61 -0.82
N10 FAD D . 15.79 -24.90 -0.32
C10 FAD D . 14.96 -25.06 0.77
C1' FAD D . 16.33 -26.07 -1.00
C2' FAD D . 17.56 -26.66 -0.32
O2' FAD D . 18.59 -25.67 -0.22
C3' FAD D . 18.12 -27.86 -1.07
O3' FAD D . 17.11 -28.63 -1.73
C4' FAD D . 18.99 -28.82 -0.27
O4' FAD D . 20.16 -28.12 0.17
C5' FAD D . 19.40 -30.04 -1.08
O5' FAD D . 20.19 -30.87 -0.21
P FAD D . 21.30 -31.80 -0.90
O1P FAD D . 22.03 -32.54 0.14
O2P FAD D . 20.70 -32.68 -1.96
O3P FAD D . 22.32 -30.81 -1.64
#